data_5CA8
#
_entry.id   5CA8
#
_cell.length_a   228.120
_cell.length_b   43.620
_cell.length_c   97.560
_cell.angle_alpha   90.00
_cell.angle_beta   108.12
_cell.angle_gamma   90.00
#
_symmetry.space_group_name_H-M   'C 1 2 1'
#
loop_
_entity.id
_entity.type
_entity.pdbx_description
1 polymer 'Protein SEY1'
2 non-polymer 'MAGNESIUM ION'
3 non-polymer "GUANOSINE-5'-DIPHOSPHATE"
4 water water
#
_entity_poly.entity_id   1
_entity_poly.type   'polypeptide(L)'
_entity_poly.pdbx_seq_one_letter_code
;MELSEGELSHTSSSSSFVPVDQRQLQDAIQIIDENKHFNTGILDYINKTSPADVGNNYHIISVFGSQSTGKSTLLNRLFN
TNFDVMDELNRQQTTKGIWLAYSPVVSTTLGHTTSKSNILVMDVEGTDGRERGEDQDFERKAALFALSTSEVLIINIWET
QVGLYQGANMGLLKTVFEVNLSLFGKSKLETHNDHKVLLLIVIRDHVGVTPVESLAKTFTLDLQNMWSSLAKPAELEHLQ
FADFFDVTFHALNHKVLQPKEFGEGINRLGDRLVVSNELFKPEYHHDVPIDGWTMYAERCWEQIETNKDLDLPTQQILVA
QFKCDEIVESVFQEFLTKYQHHFKEVDAAPDFEELGALFADLRQDAFEDYDASASRYNKAVYEQKRKKLRWLINDKLKEV
FDVHAKNLCNTLLEKFEKDLVALKGKDFAVNVKTLSTKLVEDVNFQVSLMSLQGDLSLDEIILALTKDIDAIVAKQQVVE
LNSIVNKSVKKLSASLSKSIQFELGDPNEETWDNVLQQFKGVYEKFGGDFGLGTSSTQNQQAIEKFKFKSWCQFYDVTHK
LISREKLLALLQDRFDDKFRYDENGLPKLYLNEQDLEKTFAVAKQHALQVLPILTFAKLADGSEIVPDYDIFDSKLREQF
LGGYDDSDDEEDHCFAEIITEQEKLEVLAKFKKEVDAKYIETKRSIVQHITQ
;
_entity_poly.pdbx_strand_id   A
#
# COMPACT_ATOMS: atom_id res chain seq x y z
N ASP A 27 -36.14 40.75 -2.30
CA ASP A 27 -36.27 40.90 -0.84
C ASP A 27 -34.93 40.72 -0.11
N ALA A 28 -34.67 41.61 0.84
CA ALA A 28 -33.37 41.71 1.49
C ALA A 28 -33.35 41.11 2.91
N ILE A 29 -32.18 40.56 3.28
CA ILE A 29 -31.97 39.92 4.58
C ILE A 29 -30.96 40.67 5.46
N GLN A 30 -31.29 40.83 6.74
CA GLN A 30 -30.46 41.65 7.63
C GLN A 30 -29.38 40.74 8.18
N ILE A 31 -28.14 40.98 7.79
CA ILE A 31 -27.08 40.07 8.15
C ILE A 31 -26.55 40.47 9.53
N ILE A 32 -26.67 41.76 9.86
CA ILE A 32 -26.28 42.24 11.15
C ILE A 32 -27.27 43.26 11.64
N ASP A 33 -27.98 42.95 12.73
CA ASP A 33 -28.92 43.90 13.35
C ASP A 33 -28.19 44.83 14.33
N GLU A 34 -28.95 45.79 14.87
CA GLU A 34 -28.42 46.87 15.72
C GLU A 34 -27.79 46.43 17.04
N ASN A 35 -28.06 45.19 17.44
CA ASN A 35 -27.41 44.64 18.62
C ASN A 35 -26.19 43.82 18.24
N LYS A 36 -25.68 44.06 17.03
CA LYS A 36 -24.46 43.43 16.52
C LYS A 36 -24.53 41.90 16.44
N HIS A 37 -25.73 41.35 16.39
CA HIS A 37 -25.93 39.93 16.24
C HIS A 37 -25.92 39.57 14.80
N PHE A 38 -25.34 38.41 14.48
CA PHE A 38 -25.17 37.93 13.12
C PHE A 38 -26.36 37.04 12.80
N ASN A 39 -26.95 37.22 11.63
CA ASN A 39 -28.16 36.52 11.27
C ASN A 39 -27.88 35.07 10.91
N THR A 40 -28.61 34.15 11.53
CA THR A 40 -28.49 32.72 11.27
C THR A 40 -28.93 32.30 9.87
N GLY A 41 -29.84 33.07 9.28
CA GLY A 41 -30.50 32.68 8.04
C GLY A 41 -29.65 32.87 6.79
N ILE A 42 -28.49 33.49 6.97
CA ILE A 42 -27.67 33.90 5.84
C ILE A 42 -27.28 32.72 4.93
N LEU A 43 -26.92 31.61 5.51
CA LEU A 43 -26.44 30.45 4.75
C LEU A 43 -27.51 29.95 3.78
N ASP A 44 -28.74 29.90 4.27
CA ASP A 44 -29.84 29.43 3.45
C ASP A 44 -30.19 30.48 2.42
N TYR A 45 -30.13 31.76 2.79
CA TYR A 45 -30.41 32.84 1.86
C TYR A 45 -29.41 32.77 0.69
N ILE A 46 -28.15 32.56 1.01
CA ILE A 46 -27.15 32.49 -0.03
C ILE A 46 -27.37 31.28 -0.93
N ASN A 47 -27.74 30.15 -0.33
CA ASN A 47 -28.01 28.92 -1.09
C ASN A 47 -29.11 29.06 -2.14
N LYS A 48 -30.11 29.88 -1.85
CA LYS A 48 -31.23 30.08 -2.76
C LYS A 48 -30.86 30.94 -3.96
N THR A 49 -30.00 31.91 -3.75
CA THR A 49 -29.75 32.85 -4.81
C THR A 49 -28.53 32.42 -5.57
N SER A 50 -27.75 31.54 -4.97
CA SER A 50 -26.56 31.08 -5.64
C SER A 50 -26.60 29.58 -5.92
N PRO A 51 -26.44 29.26 -7.26
CA PRO A 51 -26.42 27.84 -7.60
C PRO A 51 -25.02 27.23 -7.44
N ALA A 52 -25.02 25.86 -7.41
CA ALA A 52 -23.78 25.15 -7.16
C ALA A 52 -22.71 25.58 -8.13
N ASP A 53 -23.09 26.43 -9.06
CA ASP A 53 -22.24 26.78 -10.16
C ASP A 53 -21.25 27.91 -9.85
N VAL A 54 -21.59 28.77 -8.90
CA VAL A 54 -20.91 30.03 -8.77
C VAL A 54 -19.44 29.98 -8.42
N GLY A 55 -19.11 29.29 -7.37
CA GLY A 55 -17.72 29.18 -6.99
C GLY A 55 -17.11 30.52 -6.70
N ASN A 56 -16.07 30.86 -7.42
CA ASN A 56 -15.43 32.12 -7.24
C ASN A 56 -15.97 33.27 -8.08
N ASN A 57 -16.93 33.02 -8.95
CA ASN A 57 -17.40 34.08 -9.81
C ASN A 57 -18.57 34.84 -9.24
N TYR A 58 -18.31 35.61 -8.22
CA TYR A 58 -19.29 36.47 -7.61
C TYR A 58 -18.55 37.68 -7.13
N HIS A 59 -19.30 38.68 -6.75
CA HIS A 59 -18.79 39.98 -6.40
C HIS A 59 -19.61 40.47 -5.22
N ILE A 60 -18.92 41.07 -4.28
CA ILE A 60 -19.58 41.74 -3.18
C ILE A 60 -19.38 43.24 -3.27
N ILE A 61 -20.48 43.97 -3.23
CA ILE A 61 -20.45 45.42 -3.24
C ILE A 61 -21.13 45.95 -2.01
N SER A 62 -20.47 46.90 -1.35
CA SER A 62 -21.03 47.57 -0.19
C SER A 62 -21.27 49.07 -0.41
N VAL A 63 -22.35 49.59 0.15
CA VAL A 63 -22.54 51.07 0.09
C VAL A 63 -22.60 51.61 1.49
N PHE A 64 -21.79 52.64 1.70
CA PHE A 64 -21.40 53.05 3.04
C PHE A 64 -21.64 54.55 3.21
N GLY A 65 -22.40 54.94 4.24
CA GLY A 65 -22.74 56.34 4.39
C GLY A 65 -23.63 56.64 5.57
N SER A 66 -23.83 57.93 5.84
CA SER A 66 -24.68 58.32 6.96
C SER A 66 -26.13 58.22 6.51
N GLN A 67 -27.06 58.30 7.46
CA GLN A 67 -28.44 57.95 7.15
C GLN A 67 -29.05 58.90 6.12
N SER A 68 -30.03 58.36 5.40
CA SER A 68 -30.71 59.01 4.28
C SER A 68 -29.81 59.82 3.34
N THR A 69 -28.74 59.22 2.82
CA THR A 69 -27.96 59.88 1.77
C THR A 69 -28.13 59.18 0.42
N GLY A 70 -29.27 58.53 0.23
CA GLY A 70 -29.64 57.97 -1.06
C GLY A 70 -29.18 56.54 -1.28
N LYS A 71 -28.68 55.90 -0.23
CA LYS A 71 -28.08 54.59 -0.32
C LYS A 71 -29.05 53.51 -0.76
N SER A 72 -30.08 53.23 0.03
CA SER A 72 -31.07 52.29 -0.46
C SER A 72 -31.61 52.64 -1.84
N THR A 73 -31.76 53.92 -2.16
CA THR A 73 -32.32 54.30 -3.46
C THR A 73 -31.40 53.88 -4.60
N LEU A 74 -30.11 54.16 -4.47
CA LEU A 74 -29.12 53.78 -5.48
C LEU A 74 -29.09 52.25 -5.66
N LEU A 75 -29.13 51.54 -4.54
CA LEU A 75 -29.11 50.10 -4.61
C LEU A 75 -30.32 49.52 -5.34
N ASN A 76 -31.49 50.10 -5.10
CA ASN A 76 -32.69 49.51 -5.68
C ASN A 76 -32.75 49.85 -7.17
N ARG A 77 -32.43 51.09 -7.51
CA ARG A 77 -32.46 51.47 -8.91
C ARG A 77 -31.40 50.73 -9.73
N LEU A 78 -30.21 50.59 -9.18
CA LEU A 78 -29.06 50.14 -9.98
C LEU A 78 -29.02 48.60 -10.01
N PHE A 79 -29.27 47.98 -8.87
CA PHE A 79 -29.12 46.54 -8.76
C PHE A 79 -30.46 45.82 -8.67
N ASN A 80 -31.54 46.59 -8.64
CA ASN A 80 -32.90 46.02 -8.61
C ASN A 80 -33.20 45.10 -7.41
N THR A 81 -32.98 45.60 -6.18
CA THR A 81 -32.89 44.74 -4.97
C THR A 81 -33.91 44.82 -3.80
N ASN A 82 -34.67 45.92 -3.65
CA ASN A 82 -35.75 46.01 -2.63
C ASN A 82 -35.35 46.30 -1.16
N PHE A 83 -34.28 47.05 -0.92
CA PHE A 83 -34.07 47.60 0.42
C PHE A 83 -35.16 48.68 0.69
N ASP A 84 -35.42 49.01 1.96
CA ASP A 84 -36.39 50.08 2.27
C ASP A 84 -35.76 51.48 2.30
N VAL A 85 -36.45 52.45 1.71
CA VAL A 85 -35.96 53.84 1.66
C VAL A 85 -36.75 54.77 2.60
N MET A 86 -36.04 55.71 3.23
CA MET A 86 -36.65 56.67 4.15
C MET A 86 -37.48 57.71 3.42
N GLY A 97 -28.01 48.79 11.40
CA GLY A 97 -27.45 47.48 11.05
C GLY A 97 -26.93 47.34 9.62
N ILE A 98 -26.78 46.09 9.18
CA ILE A 98 -26.28 45.78 7.83
C ILE A 98 -27.21 44.80 7.11
N TRP A 99 -27.57 45.13 5.87
CA TRP A 99 -28.54 44.32 5.10
C TRP A 99 -27.89 43.80 3.81
N LEU A 100 -28.16 42.54 3.51
CA LEU A 100 -27.64 41.86 2.32
C LEU A 100 -28.77 41.53 1.32
N ALA A 101 -28.47 41.68 0.03
CA ALA A 101 -29.39 41.24 -1.04
C ALA A 101 -28.64 40.83 -2.29
N TYR A 102 -29.19 39.79 -2.91
CA TYR A 102 -28.80 39.35 -4.24
C TYR A 102 -29.34 40.31 -5.30
N SER A 103 -28.51 40.66 -6.28
CA SER A 103 -28.97 41.43 -7.43
C SER A 103 -29.40 40.50 -8.62
N PRO A 104 -30.70 40.36 -8.86
CA PRO A 104 -31.10 39.55 -10.03
C PRO A 104 -30.63 40.14 -11.38
N VAL A 105 -30.55 41.47 -11.47
CA VAL A 105 -30.33 42.09 -12.77
C VAL A 105 -29.82 43.52 -12.54
N VAL A 106 -28.86 43.97 -13.36
CA VAL A 106 -28.34 45.32 -13.27
C VAL A 106 -29.01 46.25 -14.30
N SER A 107 -29.35 47.47 -13.88
CA SER A 107 -29.96 48.48 -14.73
C SER A 107 -28.89 49.08 -15.64
N THR A 108 -29.03 48.91 -16.94
CA THR A 108 -28.00 49.41 -17.88
C THR A 108 -28.67 50.20 -19.03
N THR A 109 -27.90 50.88 -19.88
CA THR A 109 -28.49 51.40 -21.11
C THR A 109 -28.80 50.27 -22.13
N LEU A 110 -28.38 49.04 -21.87
CA LEU A 110 -28.89 47.96 -22.69
C LEU A 110 -30.04 47.25 -21.99
N GLY A 111 -30.67 47.93 -21.04
CA GLY A 111 -31.79 47.35 -20.32
C GLY A 111 -31.37 46.49 -19.14
N HIS A 112 -32.32 45.70 -18.65
CA HIS A 112 -32.02 44.82 -17.57
C HIS A 112 -31.00 43.81 -18.08
N THR A 113 -29.88 43.71 -17.39
CA THR A 113 -28.80 42.81 -17.78
C THR A 113 -28.41 41.89 -16.64
N THR A 114 -28.30 40.62 -16.97
CA THR A 114 -27.75 39.67 -16.04
C THR A 114 -26.28 39.41 -16.36
N SER A 115 -25.37 39.99 -15.57
CA SER A 115 -23.95 39.61 -15.60
C SER A 115 -23.76 38.12 -15.28
N LYS A 116 -22.67 37.51 -15.69
CA LYS A 116 -22.67 36.10 -15.33
C LYS A 116 -21.87 35.85 -14.05
N SER A 117 -21.26 36.90 -13.50
CA SER A 117 -20.92 36.89 -12.08
C SER A 117 -22.14 37.20 -11.25
N ASN A 118 -22.38 36.42 -10.20
CA ASN A 118 -23.39 36.79 -9.22
C ASN A 118 -22.93 38.04 -8.47
N ILE A 119 -23.85 38.96 -8.26
CA ILE A 119 -23.53 40.20 -7.55
C ILE A 119 -24.37 40.30 -6.32
N LEU A 120 -23.71 40.37 -5.18
CA LEU A 120 -24.43 40.65 -3.95
C LEU A 120 -24.07 42.02 -3.44
N VAL A 121 -25.02 42.57 -2.72
CA VAL A 121 -25.00 43.97 -2.33
C VAL A 121 -25.30 44.11 -0.85
N MET A 122 -24.51 44.93 -0.17
CA MET A 122 -24.79 45.22 1.22
C MET A 122 -25.08 46.68 1.41
N ASP A 123 -26.10 46.91 2.22
CA ASP A 123 -26.49 48.26 2.59
C ASP A 123 -25.98 48.49 4.02
N VAL A 124 -25.00 49.35 4.17
CA VAL A 124 -24.34 49.47 5.46
C VAL A 124 -24.70 50.81 6.07
N GLU A 125 -25.61 50.80 7.03
CA GLU A 125 -25.97 52.04 7.75
C GLU A 125 -25.28 52.03 9.12
N GLY A 126 -24.18 52.77 9.20
CA GLY A 126 -23.34 52.78 10.39
C GLY A 126 -23.83 53.64 11.55
N THR A 127 -24.78 54.54 11.28
CA THR A 127 -25.32 55.44 12.30
C THR A 127 -26.85 55.49 12.28
N ASP A 128 -27.47 55.68 13.45
CA ASP A 128 -28.93 55.81 13.55
C ASP A 128 -29.36 56.85 14.60
N GLU A 134 -25.24 55.72 19.15
CA GLU A 134 -25.39 56.59 18.00
C GLU A 134 -24.96 55.98 16.64
N ASP A 135 -23.83 55.27 16.49
CA ASP A 135 -22.77 54.97 17.47
C ASP A 135 -21.43 54.99 16.69
N GLN A 136 -20.34 55.41 17.32
CA GLN A 136 -19.03 55.40 16.66
C GLN A 136 -18.36 54.03 16.72
N ASP A 137 -18.68 53.24 17.74
CA ASP A 137 -18.17 51.89 17.81
C ASP A 137 -18.71 51.03 16.68
N PHE A 138 -20.03 51.08 16.50
CA PHE A 138 -20.69 50.40 15.42
C PHE A 138 -20.12 50.80 14.05
N GLU A 139 -20.02 52.10 13.80
CA GLU A 139 -19.40 52.63 12.57
C GLU A 139 -18.09 51.90 12.24
N ARG A 140 -17.21 51.78 13.22
CA ARG A 140 -15.88 51.22 12.99
C ARG A 140 -16.04 49.74 12.65
N LYS A 141 -16.87 49.06 13.42
CA LYS A 141 -17.10 47.63 13.22
C LYS A 141 -17.76 47.31 11.88
N ALA A 142 -18.76 48.10 11.49
CA ALA A 142 -19.47 47.86 10.27
C ALA A 142 -18.53 48.13 9.12
N ALA A 143 -17.67 49.11 9.27
CA ALA A 143 -16.78 49.40 8.16
C ALA A 143 -15.73 48.29 8.03
N LEU A 144 -15.31 47.72 9.18
CA LEU A 144 -14.37 46.62 9.17
C LEU A 144 -14.98 45.41 8.46
N PHE A 145 -16.23 45.09 8.80
CA PHE A 145 -16.97 44.04 8.13
C PHE A 145 -17.00 44.27 6.64
N ALA A 146 -17.41 45.46 6.25
CA ALA A 146 -17.63 45.72 4.84
C ALA A 146 -16.31 45.62 4.10
N LEU A 147 -15.23 46.09 4.70
CA LEU A 147 -13.97 46.04 3.95
C LEU A 147 -13.37 44.64 4.02
N SER A 148 -13.85 43.79 4.92
CA SER A 148 -13.19 42.50 4.98
C SER A 148 -13.92 41.57 4.01
N THR A 149 -15.09 42.02 3.53
CA THR A 149 -15.89 41.22 2.60
C THR A 149 -16.22 41.83 1.22
N SER A 150 -15.91 43.09 0.98
CA SER A 150 -16.39 43.76 -0.25
C SER A 150 -15.26 44.09 -1.18
N GLU A 151 -15.59 44.21 -2.47
CA GLU A 151 -14.59 44.46 -3.48
C GLU A 151 -14.69 45.89 -3.91
N VAL A 152 -15.89 46.40 -3.72
CA VAL A 152 -16.21 47.77 -4.07
C VAL A 152 -16.92 48.43 -2.96
N LEU A 153 -16.46 49.61 -2.64
CA LEU A 153 -17.12 50.44 -1.65
C LEU A 153 -17.76 51.66 -2.31
N ILE A 154 -19.08 51.75 -2.23
CA ILE A 154 -19.75 52.92 -2.82
C ILE A 154 -19.96 54.00 -1.78
N ILE A 155 -19.46 55.18 -2.11
CA ILE A 155 -19.59 56.36 -1.28
C ILE A 155 -20.37 57.45 -2.06
N ASN A 156 -21.51 57.84 -1.50
CA ASN A 156 -22.42 58.82 -2.07
C ASN A 156 -22.16 60.21 -1.48
N ILE A 157 -21.73 61.14 -2.29
CA ILE A 157 -21.53 62.49 -1.82
C ILE A 157 -22.23 63.52 -2.70
N TRP A 158 -22.71 64.59 -2.10
CA TRP A 158 -23.50 65.57 -2.80
C TRP A 158 -22.47 66.52 -3.31
N GLU A 159 -22.86 67.29 -4.30
CA GLU A 159 -21.95 68.07 -5.10
C GLU A 159 -21.54 69.27 -4.24
N THR A 160 -22.48 70.18 -4.11
CA THR A 160 -22.25 71.60 -3.91
C THR A 160 -21.51 71.33 -2.62
N GLN A 161 -21.54 70.08 -2.16
CA GLN A 161 -20.91 69.79 -0.89
C GLN A 161 -19.79 68.79 -1.02
N VAL A 162 -19.07 68.82 -2.13
CA VAL A 162 -18.00 67.89 -2.32
C VAL A 162 -16.68 68.48 -1.90
N GLY A 163 -16.24 68.07 -0.72
CA GLY A 163 -14.95 68.48 -0.22
C GLY A 163 -15.17 69.13 1.11
N LEU A 164 -15.84 68.40 1.98
CA LEU A 164 -16.27 68.92 3.23
C LEU A 164 -17.09 67.87 3.93
N TYR A 165 -16.82 67.68 5.21
CA TYR A 165 -17.62 66.75 5.98
C TYR A 165 -19.08 67.16 5.83
N GLN A 166 -19.37 68.37 6.26
CA GLN A 166 -20.68 68.99 6.18
C GLN A 166 -21.76 68.14 5.51
N GLY A 167 -21.41 67.41 4.43
CA GLY A 167 -22.42 66.67 3.72
C GLY A 167 -21.70 65.63 2.89
N ALA A 168 -20.37 65.62 2.96
CA ALA A 168 -19.61 64.38 2.89
C ALA A 168 -19.07 64.15 4.29
N ASN A 169 -18.65 62.93 4.52
CA ASN A 169 -17.97 62.65 5.74
C ASN A 169 -16.58 62.22 5.41
N MET A 170 -15.66 63.17 5.39
CA MET A 170 -14.27 62.81 5.37
C MET A 170 -13.99 62.09 6.67
N GLY A 171 -14.88 62.28 7.64
CA GLY A 171 -14.89 61.50 8.86
C GLY A 171 -15.19 60.05 8.52
N LEU A 172 -16.13 59.88 7.58
CA LEU A 172 -16.48 58.55 7.09
C LEU A 172 -15.33 57.98 6.24
N LEU A 173 -14.75 58.80 5.38
CA LEU A 173 -13.65 58.33 4.56
C LEU A 173 -12.46 58.00 5.44
N LYS A 174 -12.16 58.87 6.39
CA LYS A 174 -11.01 58.64 7.28
C LYS A 174 -11.19 57.35 8.07
N THR A 175 -12.44 57.03 8.45
CA THR A 175 -12.70 55.75 9.09
C THR A 175 -12.39 54.60 8.13
N VAL A 176 -12.84 54.74 6.89
CA VAL A 176 -12.52 53.76 5.84
C VAL A 176 -11.03 53.60 5.67
N PHE A 177 -10.32 54.72 5.55
CA PHE A 177 -8.85 54.68 5.48
C PHE A 177 -8.27 53.94 6.68
N GLU A 178 -8.76 54.24 7.88
CA GLU A 178 -8.21 53.58 9.06
C GLU A 178 -8.46 52.08 9.07
N VAL A 179 -9.70 51.71 8.74
CA VAL A 179 -10.14 50.34 8.86
C VAL A 179 -9.43 49.52 7.79
N ASN A 180 -9.20 50.13 6.64
CA ASN A 180 -8.52 49.47 5.57
C ASN A 180 -7.05 49.20 5.90
N LEU A 181 -6.37 50.23 6.37
CA LEU A 181 -4.99 50.09 6.85
C LEU A 181 -4.87 48.95 7.87
N SER A 182 -5.76 48.92 8.86
CA SER A 182 -5.64 47.93 9.92
C SER A 182 -5.93 46.49 9.40
N LEU A 183 -6.83 46.39 8.41
CA LEU A 183 -7.16 45.11 7.79
C LEU A 183 -6.08 44.57 6.85
N PHE A 184 -5.37 45.45 6.15
CA PHE A 184 -4.55 45.03 4.99
C PHE A 184 -3.16 45.59 5.02
N GLY A 185 -2.84 46.45 5.99
CA GLY A 185 -1.54 47.08 6.04
C GLY A 185 -0.45 46.04 6.29
N LYS A 186 -0.71 45.10 7.20
CA LYS A 186 0.28 44.06 7.50
C LYS A 186 0.57 43.13 6.29
N SER A 187 -0.47 42.55 5.68
CA SER A 187 -0.34 41.75 4.45
C SER A 187 0.40 42.51 3.34
N LYS A 188 -0.01 43.76 3.10
CA LYS A 188 0.56 44.54 2.02
C LYS A 188 2.06 44.74 2.20
N LEU A 189 2.48 45.03 3.42
CA LEU A 189 3.89 45.24 3.69
C LEU A 189 4.70 43.94 3.51
N GLU A 190 4.24 42.87 4.14
CA GLU A 190 4.98 41.62 4.26
C GLU A 190 4.95 40.64 3.08
N THR A 191 3.93 40.70 2.24
CA THR A 191 3.85 39.81 1.11
C THR A 191 3.80 40.60 -0.19
N HIS A 192 3.59 41.91 -0.07
CA HIS A 192 3.35 42.75 -1.24
C HIS A 192 2.21 42.20 -2.08
N ASN A 193 1.09 41.86 -1.48
CA ASN A 193 -0.01 41.39 -2.29
C ASN A 193 -0.70 42.55 -3.00
N ASP A 194 -1.21 42.31 -4.20
CA ASP A 194 -1.74 43.36 -5.04
C ASP A 194 -3.19 43.73 -4.66
N HIS A 195 -3.68 43.21 -3.53
CA HIS A 195 -5.04 43.47 -3.14
C HIS A 195 -5.38 44.98 -2.94
N LYS A 196 -6.48 45.40 -3.53
CA LYS A 196 -6.98 46.74 -3.31
C LYS A 196 -8.48 46.67 -3.14
N VAL A 197 -9.08 47.79 -2.78
CA VAL A 197 -10.51 47.92 -2.88
C VAL A 197 -10.75 49.14 -3.80
N LEU A 198 -11.80 49.08 -4.61
CA LEU A 198 -12.17 50.24 -5.43
C LEU A 198 -13.05 51.16 -4.59
N LEU A 199 -12.67 52.43 -4.49
CA LEU A 199 -13.64 53.45 -4.01
C LEU A 199 -14.41 53.98 -5.20
N LEU A 200 -15.72 53.74 -5.17
CA LEU A 200 -16.56 54.27 -6.21
C LEU A 200 -17.33 55.46 -5.64
N ILE A 201 -16.95 56.66 -6.06
CA ILE A 201 -17.57 57.89 -5.55
C ILE A 201 -18.74 58.32 -6.46
N VAL A 202 -19.97 58.16 -5.99
CA VAL A 202 -21.09 58.69 -6.69
C VAL A 202 -21.43 60.12 -6.22
N ILE A 203 -21.20 61.08 -7.10
CA ILE A 203 -21.62 62.45 -6.85
C ILE A 203 -23.13 62.59 -7.12
N ARG A 204 -23.85 62.99 -6.08
CA ARG A 204 -25.31 63.03 -6.17
C ARG A 204 -25.85 64.43 -6.42
N ASP A 205 -26.98 64.52 -7.11
CA ASP A 205 -27.58 65.79 -7.51
C ASP A 205 -26.56 66.69 -8.20
N HIS A 206 -25.75 66.10 -9.07
CA HIS A 206 -24.81 66.86 -9.89
C HIS A 206 -25.58 67.77 -10.84
N VAL A 207 -25.29 69.06 -10.78
CA VAL A 207 -25.96 70.03 -11.64
C VAL A 207 -25.27 70.11 -12.99
N GLY A 208 -23.96 70.30 -12.98
CA GLY A 208 -23.21 70.28 -14.23
C GLY A 208 -22.45 71.55 -14.60
N VAL A 209 -22.42 72.54 -13.73
CA VAL A 209 -21.65 73.73 -14.06
C VAL A 209 -20.18 73.42 -13.87
N THR A 210 -19.88 72.54 -12.92
CA THR A 210 -18.54 72.00 -12.73
C THR A 210 -18.50 70.60 -13.33
N PRO A 211 -17.54 70.35 -14.24
CA PRO A 211 -17.39 69.03 -14.86
C PRO A 211 -16.91 67.99 -13.85
N VAL A 212 -17.35 66.74 -14.00
CA VAL A 212 -17.01 65.71 -13.02
C VAL A 212 -15.50 65.50 -12.98
N GLU A 213 -14.84 65.65 -14.13
CA GLU A 213 -13.40 65.53 -14.21
C GLU A 213 -12.75 66.53 -13.26
N SER A 214 -13.31 67.72 -13.20
CA SER A 214 -12.81 68.76 -12.31
C SER A 214 -13.04 68.43 -10.84
N LEU A 215 -14.24 67.94 -10.52
CA LEU A 215 -14.55 67.53 -9.15
C LEU A 215 -13.68 66.33 -8.71
N ALA A 216 -13.38 65.44 -9.65
CA ALA A 216 -12.67 64.20 -9.39
C ALA A 216 -11.23 64.48 -8.99
N LYS A 217 -10.58 65.35 -9.76
CA LYS A 217 -9.18 65.71 -9.51
C LYS A 217 -9.02 66.34 -8.14
N THR A 218 -9.87 67.32 -7.87
CA THR A 218 -9.89 67.96 -6.56
C THR A 218 -10.03 66.93 -5.44
N PHE A 219 -11.06 66.10 -5.55
CA PHE A 219 -11.36 65.15 -4.48
C PHE A 219 -10.27 64.08 -4.32
N THR A 220 -9.74 63.61 -5.44
CA THR A 220 -8.65 62.64 -5.42
C THR A 220 -7.49 63.17 -4.59
N LEU A 221 -7.16 64.45 -4.77
CA LEU A 221 -5.99 65.00 -4.09
C LEU A 221 -6.31 65.22 -2.62
N ASP A 222 -7.56 65.55 -2.32
CA ASP A 222 -7.95 65.57 -0.91
C ASP A 222 -7.75 64.20 -0.28
N LEU A 223 -8.16 63.15 -1.00
CA LEU A 223 -8.04 61.78 -0.54
C LEU A 223 -6.62 61.37 -0.21
N GLN A 224 -5.71 61.65 -1.14
CA GLN A 224 -4.32 61.26 -0.99
C GLN A 224 -3.72 61.99 0.21
N ASN A 225 -4.07 63.27 0.33
CA ASN A 225 -3.57 64.11 1.41
C ASN A 225 -3.96 63.51 2.74
N MET A 226 -5.26 63.23 2.89
CA MET A 226 -5.77 62.61 4.10
C MET A 226 -5.09 61.28 4.38
N TRP A 227 -4.85 60.50 3.33
CA TRP A 227 -4.14 59.25 3.48
C TRP A 227 -2.72 59.47 3.99
N SER A 228 -1.96 60.36 3.35
CA SER A 228 -0.59 60.65 3.78
C SER A 228 -0.50 61.10 5.24
N SER A 229 -1.53 61.79 5.71
CA SER A 229 -1.44 62.32 7.06
C SER A 229 -1.98 61.31 8.08
N LEU A 230 -2.54 60.21 7.61
CA LEU A 230 -3.14 59.21 8.50
C LEU A 230 -2.07 58.60 9.40
N ALA A 231 -2.39 58.33 10.67
CA ALA A 231 -1.46 57.64 11.54
C ALA A 231 -1.16 56.23 11.00
N LYS A 232 0.11 55.99 10.67
CA LYS A 232 0.62 54.73 10.12
C LYS A 232 1.86 54.26 10.91
N PRO A 233 2.10 52.93 11.01
CA PRO A 233 3.42 52.53 11.51
C PRO A 233 4.54 53.03 10.62
N ALA A 234 5.71 53.18 11.23
CA ALA A 234 6.91 53.71 10.60
C ALA A 234 7.20 53.00 9.29
N GLU A 235 7.20 51.68 9.33
CA GLU A 235 7.64 50.93 8.17
C GLU A 235 6.60 50.90 7.04
N LEU A 236 5.42 51.50 7.20
CA LEU A 236 4.44 51.58 6.11
C LEU A 236 4.30 53.01 5.64
N GLU A 237 5.11 53.88 6.24
CA GLU A 237 5.07 55.31 6.00
C GLU A 237 5.19 55.65 4.52
N HIS A 238 5.96 54.83 3.81
CA HIS A 238 6.13 55.01 2.39
C HIS A 238 4.92 54.63 1.53
N LEU A 239 3.96 53.88 2.08
CA LEU A 239 2.81 53.44 1.27
C LEU A 239 1.80 54.55 1.07
N GLN A 240 1.23 54.60 -0.12
CA GLN A 240 0.35 55.71 -0.48
C GLN A 240 -1.10 55.25 -0.58
N PHE A 241 -1.99 56.21 -0.79
CA PHE A 241 -3.39 55.95 -1.08
C PHE A 241 -3.55 54.87 -2.15
N ALA A 242 -2.74 54.96 -3.20
CA ALA A 242 -2.87 54.12 -4.37
C ALA A 242 -2.35 52.71 -4.13
N ASP A 243 -1.63 52.48 -3.03
CA ASP A 243 -1.19 51.11 -2.77
C ASP A 243 -2.36 50.32 -2.16
N PHE A 244 -3.36 51.03 -1.64
CA PHE A 244 -4.53 50.39 -1.01
C PHE A 244 -5.82 50.57 -1.80
N PHE A 245 -5.87 51.60 -2.64
CA PHE A 245 -7.14 52.06 -3.22
C PHE A 245 -7.09 52.34 -4.69
N ASP A 246 -8.16 51.98 -5.36
CA ASP A 246 -8.46 52.55 -6.67
C ASP A 246 -9.61 53.49 -6.46
N VAL A 247 -9.58 54.64 -7.15
CA VAL A 247 -10.78 55.48 -7.24
C VAL A 247 -11.31 55.73 -8.61
N THR A 248 -12.61 55.91 -8.61
CA THR A 248 -13.29 56.41 -9.78
C THR A 248 -14.56 57.14 -9.36
N PHE A 249 -15.07 57.97 -10.26
CA PHE A 249 -16.22 58.82 -9.94
C PHE A 249 -17.38 58.61 -10.88
N HIS A 250 -18.58 58.82 -10.36
CA HIS A 250 -19.77 58.79 -11.17
C HIS A 250 -20.80 59.85 -10.71
N ALA A 251 -21.05 60.81 -11.58
CA ALA A 251 -21.97 61.94 -11.32
C ALA A 251 -23.39 61.55 -11.62
N LEU A 252 -24.29 61.76 -10.67
CA LEU A 252 -25.70 61.51 -10.93
C LEU A 252 -26.44 62.86 -10.79
N ASN A 253 -27.31 63.15 -11.76
CA ASN A 253 -28.14 64.37 -11.77
C ASN A 253 -29.20 64.32 -10.70
N HIS A 254 -29.89 65.45 -10.57
CA HIS A 254 -30.80 65.67 -9.47
C HIS A 254 -31.99 64.71 -9.46
N LYS A 255 -32.09 63.93 -8.39
CA LYS A 255 -33.15 62.92 -8.35
C LYS A 255 -34.54 63.52 -8.52
N VAL A 256 -34.85 64.53 -7.71
CA VAL A 256 -36.15 65.19 -7.77
C VAL A 256 -36.30 66.10 -8.98
N LEU A 257 -35.32 66.95 -9.25
CA LEU A 257 -35.48 67.93 -10.30
C LEU A 257 -35.12 67.46 -11.73
N GLN A 258 -34.26 66.45 -11.89
CA GLN A 258 -34.08 65.83 -13.23
C GLN A 258 -34.23 64.29 -13.23
N PRO A 259 -35.44 63.79 -12.96
CA PRO A 259 -35.70 62.35 -12.83
C PRO A 259 -35.31 61.48 -14.03
N LYS A 260 -35.55 61.99 -15.24
CA LYS A 260 -35.21 61.25 -16.45
C LYS A 260 -33.70 61.05 -16.55
N GLU A 261 -32.97 62.13 -16.36
CA GLU A 261 -31.52 62.12 -16.42
C GLU A 261 -30.92 61.30 -15.28
N PHE A 262 -31.45 61.47 -14.07
CA PHE A 262 -31.07 60.63 -12.94
C PHE A 262 -31.16 59.13 -13.31
N GLY A 263 -32.31 58.69 -13.81
CA GLY A 263 -32.48 57.37 -14.38
C GLY A 263 -31.40 57.01 -15.41
N GLU A 264 -30.98 57.97 -16.22
CA GLU A 264 -30.06 57.65 -17.29
C GLU A 264 -28.66 57.43 -16.73
N GLY A 265 -28.29 58.27 -15.77
CA GLY A 265 -27.00 58.25 -15.12
C GLY A 265 -26.76 56.96 -14.37
N ILE A 266 -27.81 56.44 -13.74
CA ILE A 266 -27.85 55.12 -13.17
C ILE A 266 -27.56 54.03 -14.20
N ASN A 267 -28.34 54.02 -15.28
CA ASN A 267 -28.17 53.05 -16.33
C ASN A 267 -26.72 53.04 -16.81
N ARG A 268 -26.13 54.24 -16.91
CA ARG A 268 -24.73 54.32 -17.32
C ARG A 268 -23.79 53.70 -16.29
N LEU A 269 -24.17 53.74 -15.01
CA LEU A 269 -23.33 53.15 -13.97
C LEU A 269 -23.36 51.65 -14.19
N GLY A 270 -24.56 51.14 -14.49
CA GLY A 270 -24.77 49.77 -14.97
C GLY A 270 -23.84 49.35 -16.10
N ASP A 271 -23.74 50.15 -17.16
CA ASP A 271 -22.86 49.85 -18.29
C ASP A 271 -21.43 49.61 -17.79
N ARG A 272 -20.93 50.56 -17.02
CA ARG A 272 -19.64 50.47 -16.36
C ARG A 272 -19.45 49.15 -15.58
N LEU A 273 -20.44 48.77 -14.77
CA LEU A 273 -20.38 47.56 -13.97
C LEU A 273 -20.41 46.33 -14.88
N VAL A 274 -21.46 46.15 -15.67
CA VAL A 274 -21.69 44.84 -16.25
C VAL A 274 -21.52 44.77 -17.78
N VAL A 275 -21.94 45.81 -18.49
CA VAL A 275 -21.74 45.86 -19.94
C VAL A 275 -20.32 46.15 -20.45
N SER A 276 -19.68 47.15 -19.89
CA SER A 276 -18.34 47.45 -20.31
C SER A 276 -17.32 46.84 -19.39
N ASN A 277 -17.76 46.07 -18.42
CA ASN A 277 -16.91 45.59 -17.35
C ASN A 277 -15.67 46.39 -17.02
N GLU A 278 -15.88 47.61 -16.60
CA GLU A 278 -14.81 48.53 -16.35
C GLU A 278 -14.39 48.65 -14.90
N LEU A 279 -15.15 48.12 -13.97
CA LEU A 279 -14.90 48.45 -12.58
C LEU A 279 -14.33 47.34 -11.72
N PHE A 280 -14.99 46.21 -11.69
CA PHE A 280 -14.54 45.02 -10.98
C PHE A 280 -13.20 44.53 -11.48
N LYS A 281 -12.29 44.22 -10.58
CA LYS A 281 -11.02 43.60 -10.92
C LYS A 281 -10.77 42.44 -10.00
N PRO A 282 -10.02 41.46 -10.46
CA PRO A 282 -9.76 40.27 -9.62
C PRO A 282 -8.90 40.59 -8.37
N GLU A 283 -8.03 41.59 -8.45
CA GLU A 283 -7.26 42.01 -7.28
C GLU A 283 -8.07 42.71 -6.18
N TYR A 284 -9.38 42.80 -6.37
CA TYR A 284 -10.29 43.29 -5.32
C TYR A 284 -10.96 42.13 -4.65
N HIS A 285 -10.85 40.98 -5.29
CA HIS A 285 -11.64 39.84 -4.88
C HIS A 285 -11.01 39.14 -3.66
N HIS A 286 -11.83 38.88 -2.65
CA HIS A 286 -11.43 38.10 -1.49
C HIS A 286 -11.50 36.60 -1.83
N ASP A 287 -10.39 35.89 -1.70
CA ASP A 287 -10.32 34.48 -2.16
C ASP A 287 -11.08 33.51 -1.22
N VAL A 288 -12.39 33.46 -1.37
CA VAL A 288 -13.28 32.52 -0.68
C VAL A 288 -14.39 32.24 -1.67
N PRO A 289 -14.49 31.00 -2.15
CA PRO A 289 -15.64 30.74 -3.04
C PRO A 289 -16.94 30.97 -2.31
N ILE A 290 -18.00 31.11 -3.09
CA ILE A 290 -19.29 31.52 -2.57
C ILE A 290 -19.76 30.61 -1.41
N ASP A 291 -19.44 29.32 -1.47
CA ASP A 291 -19.96 28.38 -0.49
C ASP A 291 -19.27 28.50 0.88
N GLY A 292 -18.07 29.08 0.88
CA GLY A 292 -17.36 29.35 2.11
C GLY A 292 -17.68 30.74 2.63
N TRP A 293 -18.42 31.53 1.85
CA TRP A 293 -18.59 32.92 2.21
C TRP A 293 -19.26 33.18 3.57
N THR A 294 -20.33 32.46 3.89
CA THR A 294 -21.05 32.75 5.14
C THR A 294 -20.17 32.46 6.35
N MET A 295 -19.48 31.33 6.31
CA MET A 295 -18.49 31.00 7.33
C MET A 295 -17.46 32.12 7.46
N TYR A 296 -16.93 32.58 6.33
CA TYR A 296 -15.96 33.63 6.33
C TYR A 296 -16.57 34.90 6.97
N ALA A 297 -17.79 35.26 6.56
CA ALA A 297 -18.44 36.46 7.11
C ALA A 297 -18.74 36.30 8.61
N GLU A 298 -19.22 35.13 9.03
CA GLU A 298 -19.48 34.86 10.44
C GLU A 298 -18.19 35.04 11.27
N ARG A 299 -17.07 34.51 10.78
CA ARG A 299 -15.87 34.46 11.59
C ARG A 299 -15.23 35.83 11.70
N CYS A 300 -15.29 36.56 10.59
CA CYS A 300 -14.84 37.94 10.55
C CYS A 300 -15.65 38.79 11.54
N TRP A 301 -16.97 38.60 11.56
CA TRP A 301 -17.78 39.45 12.38
C TRP A 301 -17.56 39.14 13.86
N GLU A 302 -17.47 37.87 14.20
CA GLU A 302 -17.27 37.50 15.60
C GLU A 302 -15.96 38.07 16.17
N GLN A 303 -14.88 38.11 15.36
CA GLN A 303 -13.62 38.67 15.87
C GLN A 303 -13.75 40.15 16.02
N ILE A 304 -14.33 40.77 15.01
CA ILE A 304 -14.57 42.21 14.97
C ILE A 304 -15.41 42.65 16.16
N GLU A 305 -16.48 41.91 16.39
CA GLU A 305 -17.44 42.26 17.42
C GLU A 305 -16.82 42.16 18.82
N THR A 306 -15.95 41.17 19.02
CA THR A 306 -15.36 40.91 20.32
C THR A 306 -13.98 41.55 20.45
N ASN A 307 -13.62 42.40 19.48
CA ASN A 307 -12.36 43.13 19.49
C ASN A 307 -11.10 42.26 19.46
N LYS A 308 -11.18 41.09 18.83
CA LYS A 308 -10.01 40.24 18.70
C LYS A 308 -9.13 40.68 17.52
N ASP A 309 -7.95 40.09 17.41
CA ASP A 309 -7.05 40.38 16.29
C ASP A 309 -7.53 39.62 15.06
N LEU A 310 -8.22 40.34 14.17
CA LEU A 310 -8.64 39.76 12.91
C LEU A 310 -7.53 39.86 11.87
N ASP A 311 -7.07 38.70 11.43
CA ASP A 311 -6.14 38.59 10.31
C ASP A 311 -6.77 37.84 9.09
N LEU A 312 -7.06 38.57 8.02
CA LEU A 312 -7.86 38.00 6.93
C LEU A 312 -7.17 36.89 6.11
N PRO A 313 -5.85 37.04 5.87
CA PRO A 313 -5.20 35.89 5.20
C PRO A 313 -5.43 34.58 5.94
N THR A 314 -5.26 34.56 7.26
CA THR A 314 -5.30 33.28 7.96
C THR A 314 -6.75 32.83 8.08
N GLN A 315 -7.65 33.78 8.29
CA GLN A 315 -9.09 33.45 8.29
C GLN A 315 -9.55 32.82 6.95
N GLN A 316 -8.97 33.27 5.84
CA GLN A 316 -9.32 32.70 4.54
C GLN A 316 -8.73 31.29 4.38
N ILE A 317 -7.55 31.07 4.93
CA ILE A 317 -6.98 29.72 4.96
C ILE A 317 -7.86 28.79 5.83
N LEU A 318 -8.24 29.24 7.02
CA LEU A 318 -9.07 28.42 7.91
C LEU A 318 -10.41 27.98 7.28
N VAL A 319 -11.10 28.88 6.59
CA VAL A 319 -12.36 28.52 5.95
C VAL A 319 -12.13 27.50 4.83
N ALA A 320 -11.07 27.70 4.05
CA ALA A 320 -10.67 26.73 3.05
C ALA A 320 -10.39 25.36 3.72
N GLN A 321 -9.52 25.35 4.72
CA GLN A 321 -9.21 24.10 5.43
C GLN A 321 -10.45 23.40 5.98
N PHE A 322 -11.39 24.17 6.53
CA PHE A 322 -12.62 23.59 7.10
C PHE A 322 -13.47 22.97 6.02
N LYS A 323 -13.54 23.65 4.89
CA LYS A 323 -14.50 23.30 3.85
C LYS A 323 -14.01 22.13 3.01
N CYS A 324 -12.75 22.21 2.58
CA CYS A 324 -12.13 21.09 1.90
C CYS A 324 -12.22 19.86 2.79
N ASP A 325 -11.98 20.02 4.10
CA ASP A 325 -12.12 18.91 5.06
C ASP A 325 -13.47 18.21 5.00
N GLU A 326 -14.56 18.96 4.95
CA GLU A 326 -15.87 18.33 5.03
C GLU A 326 -16.30 17.77 3.67
N ILE A 327 -15.59 18.20 2.61
CA ILE A 327 -15.79 17.63 1.29
C ILE A 327 -14.99 16.32 1.21
N VAL A 328 -13.78 16.33 1.75
CA VAL A 328 -13.01 15.12 1.93
C VAL A 328 -13.87 14.07 2.62
N GLU A 329 -14.46 14.42 3.76
CA GLU A 329 -15.23 13.46 4.54
C GLU A 329 -16.51 12.97 3.84
N SER A 330 -17.28 13.87 3.26
CA SER A 330 -18.52 13.49 2.60
C SER A 330 -18.28 12.63 1.36
N VAL A 331 -17.19 12.90 0.64
CA VAL A 331 -16.82 12.11 -0.53
C VAL A 331 -16.34 10.73 -0.09
N PHE A 332 -15.50 10.72 0.93
CA PHE A 332 -14.94 9.50 1.46
C PHE A 332 -16.03 8.60 2.07
N GLN A 333 -17.15 9.17 2.47
CA GLN A 333 -18.28 8.38 2.95
C GLN A 333 -19.15 7.90 1.79
N GLU A 334 -19.18 8.70 0.73
CA GLU A 334 -19.79 8.25 -0.51
C GLU A 334 -18.99 7.07 -1.05
N PHE A 335 -17.67 7.11 -0.89
CA PHE A 335 -16.80 6.04 -1.37
C PHE A 335 -16.93 4.77 -0.50
N LEU A 336 -17.54 4.89 0.68
CA LEU A 336 -17.53 3.75 1.60
C LEU A 336 -18.71 2.76 1.63
N THR A 337 -19.96 3.20 1.64
CA THR A 337 -21.01 2.20 1.56
C THR A 337 -21.01 1.66 0.13
N LYS A 338 -20.46 2.48 -0.76
CA LYS A 338 -20.16 2.11 -2.13
C LYS A 338 -19.05 1.07 -2.18
N TYR A 339 -18.25 1.04 -1.11
CA TYR A 339 -17.14 0.11 -0.96
C TYR A 339 -17.61 -1.22 -0.36
N GLN A 340 -18.31 -1.13 0.76
CA GLN A 340 -18.76 -2.28 1.54
C GLN A 340 -19.62 -3.21 0.71
N HIS A 341 -20.41 -2.60 -0.17
CA HIS A 341 -21.31 -3.30 -1.07
C HIS A 341 -20.48 -3.99 -2.18
N HIS A 342 -19.18 -3.79 -2.09
CA HIS A 342 -18.25 -4.71 -2.72
C HIS A 342 -17.40 -5.49 -1.68
N PHE A 343 -16.54 -4.87 -0.91
CA PHE A 343 -15.43 -5.65 -0.36
C PHE A 343 -15.48 -6.23 1.07
N LYS A 344 -16.63 -6.79 1.44
CA LYS A 344 -16.66 -7.97 2.30
C LYS A 344 -17.94 -8.70 1.84
N GLU A 345 -18.32 -8.36 0.62
CA GLU A 345 -18.68 -9.34 -0.37
C GLU A 345 -17.31 -9.92 -0.78
N VAL A 346 -16.83 -10.93 -0.07
CA VAL A 346 -15.65 -11.62 -0.56
C VAL A 346 -16.19 -12.48 -1.71
N ASP A 347 -15.47 -12.57 -2.83
CA ASP A 347 -16.12 -13.09 -4.03
C ASP A 347 -15.46 -14.28 -4.75
N ALA A 348 -16.24 -14.80 -5.70
CA ALA A 348 -16.08 -16.14 -6.28
C ALA A 348 -14.84 -16.31 -7.14
N ALA A 349 -14.83 -15.69 -8.31
CA ALA A 349 -13.74 -15.83 -9.25
C ALA A 349 -12.94 -14.54 -9.37
N PRO A 350 -11.79 -14.47 -8.67
CA PRO A 350 -10.92 -13.29 -8.55
C PRO A 350 -10.28 -12.83 -9.87
N ASP A 351 -10.90 -11.88 -10.56
CA ASP A 351 -10.24 -11.28 -11.71
C ASP A 351 -9.45 -10.07 -11.24
N PHE A 352 -8.20 -9.96 -11.70
CA PHE A 352 -7.27 -9.01 -11.14
C PHE A 352 -7.13 -7.72 -11.94
N GLU A 353 -7.56 -7.73 -13.20
CA GLU A 353 -7.48 -6.54 -14.01
C GLU A 353 -8.86 -5.92 -14.14
N GLU A 354 -9.90 -6.75 -14.10
CA GLU A 354 -11.25 -6.25 -14.20
C GLU A 354 -11.55 -5.39 -13.00
N LEU A 355 -11.16 -5.88 -11.82
CA LEU A 355 -11.47 -5.10 -10.65
C LEU A 355 -10.23 -4.48 -10.02
N GLY A 356 -9.08 -4.71 -10.64
CA GLY A 356 -7.89 -3.95 -10.31
C GLY A 356 -8.07 -2.54 -10.82
N ALA A 357 -9.19 -2.33 -11.52
CA ALA A 357 -9.51 -1.08 -12.14
C ALA A 357 -10.81 -0.50 -11.55
N LEU A 358 -11.48 -1.28 -10.70
CA LEU A 358 -12.55 -0.74 -9.87
C LEU A 358 -11.89 0.13 -8.84
N PHE A 359 -10.80 -0.42 -8.30
CA PHE A 359 -9.89 0.30 -7.43
C PHE A 359 -9.61 1.69 -8.00
N ALA A 360 -9.36 1.72 -9.30
CA ALA A 360 -9.14 2.98 -10.00
C ALA A 360 -10.43 3.78 -10.13
N ASP A 361 -11.53 3.12 -10.54
CA ASP A 361 -12.81 3.81 -10.71
C ASP A 361 -13.27 4.48 -9.42
N LEU A 362 -13.46 3.67 -8.38
CA LEU A 362 -13.83 4.19 -7.06
C LEU A 362 -12.98 5.37 -6.62
N ARG A 363 -11.67 5.21 -6.75
CA ARG A 363 -10.71 6.24 -6.38
C ARG A 363 -10.73 7.42 -7.35
N GLN A 364 -11.13 7.19 -8.60
CA GLN A 364 -11.18 8.28 -9.56
C GLN A 364 -12.51 9.03 -9.48
N ASP A 365 -13.59 8.34 -9.20
CA ASP A 365 -14.87 9.01 -9.04
C ASP A 365 -14.88 9.87 -7.77
N ALA A 366 -14.18 9.40 -6.74
CA ALA A 366 -14.03 10.18 -5.53
C ALA A 366 -13.22 11.45 -5.80
N PHE A 367 -12.12 11.32 -6.55
CA PHE A 367 -11.34 12.48 -6.96
C PHE A 367 -12.22 13.51 -7.67
N GLU A 368 -13.17 13.04 -8.47
CA GLU A 368 -13.91 13.93 -9.33
C GLU A 368 -15.00 14.67 -8.55
N ASP A 369 -15.57 14.02 -7.55
CA ASP A 369 -16.61 14.66 -6.75
C ASP A 369 -15.95 15.66 -5.83
N TYR A 370 -14.71 15.37 -5.49
CA TYR A 370 -13.93 16.24 -4.65
C TYR A 370 -13.38 17.43 -5.45
N ASP A 371 -12.92 17.18 -6.66
CA ASP A 371 -12.43 18.26 -7.52
C ASP A 371 -13.53 19.29 -7.81
N ALA A 372 -14.75 18.79 -7.98
CA ALA A 372 -15.90 19.64 -8.29
C ALA A 372 -16.11 20.71 -7.21
N SER A 373 -16.15 20.30 -5.95
CA SER A 373 -16.42 21.23 -4.84
C SER A 373 -15.17 21.93 -4.34
N ALA A 374 -14.06 21.21 -4.27
CA ALA A 374 -12.89 21.70 -3.56
C ALA A 374 -11.90 22.51 -4.39
N SER A 375 -11.91 22.35 -5.71
CA SER A 375 -10.88 23.01 -6.54
C SER A 375 -11.03 24.54 -6.57
N ARG A 376 -12.21 25.03 -6.19
CA ARG A 376 -12.46 26.47 -6.10
C ARG A 376 -11.60 27.09 -5.00
N TYR A 377 -11.25 26.28 -4.01
CA TYR A 377 -10.54 26.78 -2.84
C TYR A 377 -9.06 26.95 -3.08
N ASN A 378 -8.41 27.61 -2.11
CA ASN A 378 -6.96 27.83 -2.11
C ASN A 378 -6.21 26.63 -2.65
N LYS A 379 -5.26 26.88 -3.56
CA LYS A 379 -4.66 25.79 -4.31
C LYS A 379 -3.95 24.84 -3.36
N ALA A 380 -3.11 25.39 -2.48
CA ALA A 380 -2.34 24.59 -1.55
C ALA A 380 -3.26 23.79 -0.61
N VAL A 381 -4.29 24.44 -0.08
CA VAL A 381 -5.18 23.73 0.83
C VAL A 381 -5.90 22.63 0.10
N TYR A 382 -6.37 22.92 -1.11
CA TYR A 382 -7.12 21.96 -1.92
C TYR A 382 -6.35 20.71 -2.30
N GLU A 383 -5.10 20.88 -2.68
CA GLU A 383 -4.27 19.74 -3.04
C GLU A 383 -3.88 18.93 -1.79
N GLN A 384 -3.52 19.62 -0.71
CA GLN A 384 -3.22 18.98 0.57
C GLN A 384 -4.33 18.04 1.02
N LYS A 385 -5.57 18.51 0.98
CA LYS A 385 -6.69 17.71 1.47
C LYS A 385 -7.08 16.65 0.45
N ARG A 386 -6.62 16.79 -0.79
CA ARG A 386 -6.87 15.79 -1.81
C ARG A 386 -5.99 14.56 -1.53
N LYS A 387 -4.71 14.83 -1.24
CA LYS A 387 -3.79 13.80 -0.78
C LYS A 387 -4.33 13.07 0.45
N LYS A 388 -4.85 13.81 1.41
CA LYS A 388 -5.54 13.22 2.55
C LYS A 388 -6.63 12.27 2.06
N LEU A 389 -7.47 12.72 1.14
CA LEU A 389 -8.48 11.83 0.56
C LEU A 389 -7.84 10.63 -0.13
N ARG A 390 -6.69 10.85 -0.76
CA ARG A 390 -6.00 9.77 -1.46
C ARG A 390 -5.54 8.68 -0.48
N TRP A 391 -4.92 9.09 0.61
CA TRP A 391 -4.38 8.14 1.56
C TRP A 391 -5.40 7.78 2.63
N LEU A 392 -6.67 7.89 2.30
CA LEU A 392 -7.74 7.33 3.10
C LEU A 392 -8.39 6.28 2.24
N ILE A 393 -8.46 6.57 0.95
CA ILE A 393 -9.03 5.64 0.00
C ILE A 393 -8.04 4.50 -0.23
N ASN A 394 -6.77 4.87 -0.42
CA ASN A 394 -5.69 3.93 -0.65
C ASN A 394 -5.46 2.96 0.51
N ASP A 395 -6.12 3.18 1.64
CA ASP A 395 -5.87 2.34 2.80
C ASP A 395 -7.01 1.40 3.09
N LYS A 396 -8.22 1.77 2.68
CA LYS A 396 -9.30 0.80 2.78
C LYS A 396 -9.39 0.01 1.48
N LEU A 397 -8.70 0.48 0.44
CA LEU A 397 -8.59 -0.32 -0.77
C LEU A 397 -7.47 -1.33 -0.62
N LYS A 398 -6.63 -1.11 0.39
CA LYS A 398 -5.47 -1.96 0.61
C LYS A 398 -5.82 -3.20 1.44
N GLU A 399 -6.99 -3.18 2.07
CA GLU A 399 -7.40 -4.33 2.86
C GLU A 399 -8.03 -5.40 1.95
N VAL A 400 -8.51 -4.99 0.79
CA VAL A 400 -8.93 -5.94 -0.24
C VAL A 400 -7.72 -6.43 -1.01
N PHE A 401 -6.73 -5.56 -1.09
CA PHE A 401 -5.48 -5.86 -1.75
C PHE A 401 -4.82 -7.04 -1.10
N ASP A 402 -4.75 -7.02 0.23
CA ASP A 402 -4.05 -8.03 0.99
C ASP A 402 -4.76 -9.38 0.96
N VAL A 403 -6.09 -9.33 1.05
CA VAL A 403 -6.88 -10.54 1.08
C VAL A 403 -6.78 -11.30 -0.23
N HIS A 404 -7.16 -10.66 -1.33
CA HIS A 404 -7.15 -11.33 -2.62
C HIS A 404 -5.71 -11.71 -3.02
N ALA A 405 -4.74 -11.06 -2.40
CA ALA A 405 -3.33 -11.32 -2.66
C ALA A 405 -2.90 -12.70 -2.18
N LYS A 406 -2.89 -12.91 -0.88
CA LYS A 406 -2.31 -14.13 -0.36
C LYS A 406 -3.33 -15.28 -0.42
N ASN A 407 -4.54 -14.98 -0.83
CA ASN A 407 -5.44 -16.05 -1.23
C ASN A 407 -4.88 -16.69 -2.49
N LEU A 408 -4.21 -15.87 -3.28
CA LEU A 408 -3.54 -16.35 -4.48
C LEU A 408 -2.16 -16.91 -4.13
N CYS A 409 -1.58 -16.50 -3.00
CA CYS A 409 -0.31 -17.04 -2.58
C CYS A 409 -0.47 -18.46 -2.01
N ASN A 410 -1.45 -18.64 -1.12
CA ASN A 410 -1.73 -19.96 -0.56
C ASN A 410 -2.42 -20.88 -1.56
N THR A 411 -2.93 -20.30 -2.64
CA THR A 411 -3.42 -21.07 -3.78
C THR A 411 -2.24 -21.59 -4.60
N LEU A 412 -1.23 -20.74 -4.75
CA LEU A 412 -0.07 -21.07 -5.56
C LEU A 412 1.01 -21.80 -4.77
N LEU A 413 1.04 -21.56 -3.46
CA LEU A 413 1.98 -22.29 -2.60
C LEU A 413 1.56 -23.76 -2.45
N GLU A 414 0.24 -24.00 -2.48
CA GLU A 414 -0.29 -25.35 -2.33
C GLU A 414 0.08 -26.23 -3.53
N LYS A 415 0.00 -25.68 -4.73
CA LYS A 415 0.37 -26.43 -5.91
C LYS A 415 1.90 -26.40 -6.09
N PHE A 416 2.54 -25.36 -5.57
CA PHE A 416 4.00 -25.37 -5.51
C PHE A 416 4.45 -26.59 -4.74
N GLU A 417 3.95 -26.69 -3.52
CA GLU A 417 4.25 -27.79 -2.62
C GLU A 417 3.93 -29.12 -3.27
N LYS A 418 2.87 -29.17 -4.07
CA LYS A 418 2.44 -30.44 -4.64
C LYS A 418 3.39 -31.00 -5.70
N ASP A 419 3.62 -30.33 -6.83
CA ASP A 419 4.49 -30.97 -7.81
C ASP A 419 5.97 -30.73 -7.50
N LEU A 420 6.29 -30.23 -6.32
CA LEU A 420 7.60 -30.52 -5.76
C LEU A 420 7.64 -32.04 -5.55
N VAL A 421 6.74 -32.54 -4.72
CA VAL A 421 6.60 -33.96 -4.49
C VAL A 421 6.45 -34.74 -5.78
N ALA A 422 5.60 -34.25 -6.68
CA ALA A 422 5.34 -34.95 -7.94
C ALA A 422 6.60 -35.01 -8.80
N LEU A 423 7.50 -34.06 -8.58
CA LEU A 423 8.83 -34.13 -9.18
C LEU A 423 9.75 -35.05 -8.36
N LYS A 424 9.17 -36.07 -7.75
CA LYS A 424 9.83 -37.29 -7.26
C LYS A 424 11.36 -37.26 -7.17
N GLY A 425 11.91 -36.21 -6.56
CA GLY A 425 13.33 -36.09 -6.33
C GLY A 425 14.19 -35.83 -7.55
N LYS A 426 13.59 -35.81 -8.74
CA LYS A 426 14.37 -35.63 -9.97
C LYS A 426 14.95 -34.22 -10.09
N ASP A 427 16.28 -34.15 -9.98
CA ASP A 427 17.09 -32.92 -10.02
C ASP A 427 16.43 -31.67 -9.45
N PHE A 428 16.40 -31.59 -8.12
CA PHE A 428 15.92 -30.40 -7.46
C PHE A 428 17.10 -29.48 -7.24
N ALA A 429 18.23 -29.86 -7.83
CA ALA A 429 19.42 -29.01 -7.87
C ALA A 429 18.84 -27.67 -8.35
N VAL A 430 18.11 -27.71 -9.45
CA VAL A 430 17.65 -26.52 -10.15
C VAL A 430 16.18 -26.27 -10.04
N ASN A 431 15.48 -27.37 -10.07
CA ASN A 431 14.06 -27.41 -10.30
C ASN A 431 13.20 -26.86 -9.18
N VAL A 432 13.87 -26.47 -8.11
CA VAL A 432 13.33 -25.54 -7.12
C VAL A 432 13.40 -24.10 -7.66
N LYS A 433 14.58 -23.71 -8.15
CA LYS A 433 14.84 -22.33 -8.57
C LYS A 433 13.91 -21.94 -9.73
N THR A 434 13.67 -22.89 -10.64
CA THR A 434 12.83 -22.60 -11.80
C THR A 434 11.36 -22.46 -11.44
N LEU A 435 10.91 -23.24 -10.45
CA LEU A 435 9.53 -23.20 -10.01
C LEU A 435 9.24 -21.99 -9.14
N SER A 436 10.17 -21.66 -8.25
CA SER A 436 10.05 -20.47 -7.42
C SER A 436 9.97 -19.24 -8.33
N THR A 437 10.83 -19.23 -9.34
CA THR A 437 10.90 -18.14 -10.31
C THR A 437 9.57 -17.79 -10.96
N LYS A 438 8.95 -18.73 -11.67
CA LYS A 438 7.68 -18.46 -12.34
C LYS A 438 6.64 -18.12 -11.28
N LEU A 439 6.70 -18.78 -10.13
CA LEU A 439 5.74 -18.50 -9.06
C LEU A 439 5.85 -17.06 -8.58
N VAL A 440 7.04 -16.70 -8.10
CA VAL A 440 7.28 -15.38 -7.56
C VAL A 440 7.02 -14.33 -8.65
N GLU A 441 6.97 -14.77 -9.89
CA GLU A 441 6.83 -13.86 -11.01
C GLU A 441 5.41 -13.56 -11.43
N ASP A 442 4.55 -14.56 -11.43
CA ASP A 442 3.18 -14.31 -11.86
C ASP A 442 2.34 -13.83 -10.68
N VAL A 443 2.87 -13.97 -9.47
CA VAL A 443 2.27 -13.28 -8.34
C VAL A 443 2.46 -11.77 -8.56
N ASN A 444 3.71 -11.39 -8.82
CA ASN A 444 4.03 -10.02 -9.20
C ASN A 444 3.14 -9.52 -10.33
N PHE A 445 3.14 -10.23 -11.46
CA PHE A 445 2.26 -9.88 -12.57
C PHE A 445 0.81 -9.76 -12.11
N GLN A 446 0.21 -10.85 -11.63
CA GLN A 446 -1.20 -10.85 -11.27
C GLN A 446 -1.58 -9.75 -10.28
N VAL A 447 -0.76 -9.57 -9.24
CA VAL A 447 -1.10 -8.63 -8.18
C VAL A 447 -0.79 -7.18 -8.57
N SER A 448 0.19 -6.98 -9.43
CA SER A 448 0.47 -5.63 -9.93
C SER A 448 -0.77 -5.03 -10.60
N LEU A 449 -1.58 -5.89 -11.20
CA LEU A 449 -2.81 -5.50 -11.88
C LEU A 449 -3.74 -4.68 -10.99
N MET A 450 -3.57 -4.84 -9.70
CA MET A 450 -4.48 -4.28 -8.74
C MET A 450 -3.76 -3.37 -7.81
N SER A 451 -2.47 -3.16 -8.03
CA SER A 451 -1.79 -2.12 -7.33
C SER A 451 -2.02 -0.99 -8.27
N LEU A 452 -1.85 0.23 -7.83
CA LEU A 452 -2.05 1.31 -8.77
C LEU A 452 -0.72 1.90 -9.16
N GLN A 453 -0.24 1.58 -10.35
CA GLN A 453 1.10 2.07 -10.72
C GLN A 453 1.86 2.21 -9.38
N GLY A 454 1.94 1.13 -8.60
CA GLY A 454 2.67 1.14 -7.35
C GLY A 454 2.25 1.82 -6.08
N ASP A 455 0.99 2.20 -5.97
CA ASP A 455 0.53 2.87 -4.77
C ASP A 455 0.43 1.95 -3.53
N LEU A 456 -0.30 0.87 -3.65
CA LEU A 456 -0.29 -0.21 -2.69
C LEU A 456 0.92 -1.07 -3.03
N SER A 457 1.89 -1.05 -2.13
CA SER A 457 3.17 -1.70 -2.33
C SER A 457 3.06 -3.22 -2.23
N LEU A 458 3.98 -3.90 -2.89
CA LEU A 458 4.03 -5.36 -2.88
C LEU A 458 5.14 -5.88 -2.00
N ASP A 459 6.10 -4.99 -1.71
CA ASP A 459 7.30 -5.27 -0.93
C ASP A 459 7.05 -6.16 0.29
N GLU A 460 5.89 -6.00 0.92
CA GLU A 460 5.52 -6.77 2.12
C GLU A 460 5.15 -8.20 1.78
N ILE A 461 4.42 -8.36 0.68
CA ILE A 461 3.71 -9.58 0.34
C ILE A 461 4.63 -10.61 -0.30
N ILE A 462 5.51 -10.13 -1.16
CA ILE A 462 6.53 -11.00 -1.76
C ILE A 462 7.54 -11.41 -0.69
N LEU A 463 7.84 -10.48 0.22
CA LEU A 463 8.75 -10.77 1.32
C LEU A 463 8.20 -11.88 2.21
N ALA A 464 6.90 -12.10 2.14
CA ALA A 464 6.26 -13.19 2.85
C ALA A 464 6.21 -14.45 1.98
N LEU A 465 5.79 -14.26 0.73
CA LEU A 465 5.72 -15.35 -0.24
C LEU A 465 7.08 -16.02 -0.39
N THR A 466 8.14 -15.21 -0.30
CA THR A 466 9.50 -15.72 -0.34
C THR A 466 9.77 -16.65 0.84
N LYS A 467 9.49 -16.19 2.06
CA LYS A 467 9.88 -16.96 3.23
C LYS A 467 9.00 -18.20 3.38
N ASP A 468 7.77 -18.13 2.88
CA ASP A 468 6.91 -19.32 2.82
C ASP A 468 7.33 -20.29 1.71
N ILE A 469 8.20 -19.85 0.81
CA ILE A 469 8.75 -20.73 -0.21
C ILE A 469 10.05 -21.35 0.27
N ASP A 470 10.89 -20.55 0.93
CA ASP A 470 12.17 -21.05 1.40
C ASP A 470 12.03 -22.01 2.57
N ALA A 471 11.07 -21.73 3.44
CA ALA A 471 10.86 -22.58 4.59
C ALA A 471 10.13 -23.85 4.19
N ILE A 472 9.82 -23.98 2.90
CA ILE A 472 9.28 -25.24 2.43
C ILE A 472 10.16 -25.89 1.35
N VAL A 473 11.32 -25.32 1.07
CA VAL A 473 12.27 -26.14 0.34
C VAL A 473 13.07 -26.83 1.44
N ALA A 474 13.28 -26.11 2.53
CA ALA A 474 13.82 -26.68 3.76
C ALA A 474 12.90 -27.78 4.31
N LYS A 475 11.68 -27.82 3.80
CA LYS A 475 10.67 -28.86 4.06
C LYS A 475 11.12 -30.22 3.60
N GLN A 476 11.34 -30.27 2.29
CA GLN A 476 11.32 -31.50 1.53
C GLN A 476 12.72 -31.80 1.04
N GLN A 477 13.60 -30.83 1.26
CA GLN A 477 15.03 -31.08 1.11
C GLN A 477 15.42 -32.19 2.08
N VAL A 478 14.86 -32.14 3.28
CA VAL A 478 15.15 -33.16 4.27
C VAL A 478 14.47 -34.49 3.88
N VAL A 479 13.36 -34.39 3.16
CA VAL A 479 12.68 -35.58 2.67
C VAL A 479 13.52 -36.26 1.60
N GLU A 480 14.02 -35.48 0.64
CA GLU A 480 14.73 -36.03 -0.51
C GLU A 480 16.18 -36.38 -0.16
N LEU A 481 16.71 -35.74 0.87
CA LEU A 481 18.03 -36.06 1.37
C LEU A 481 17.96 -37.44 1.99
N ASN A 482 16.99 -37.61 2.86
CA ASN A 482 16.74 -38.90 3.49
C ASN A 482 16.35 -39.96 2.46
N SER A 483 15.62 -39.55 1.43
CA SER A 483 15.14 -40.50 0.43
C SER A 483 16.26 -41.12 -0.37
N ILE A 484 17.21 -40.29 -0.79
CA ILE A 484 18.32 -40.78 -1.58
C ILE A 484 19.28 -41.55 -0.67
N VAL A 485 19.21 -41.30 0.62
CA VAL A 485 19.94 -42.14 1.57
C VAL A 485 19.42 -43.57 1.53
N ASN A 486 18.10 -43.71 1.64
CA ASN A 486 17.43 -45.00 1.74
C ASN A 486 17.58 -45.90 0.51
N LYS A 487 17.36 -45.35 -0.67
CA LYS A 487 17.47 -46.15 -1.87
C LYS A 487 18.95 -46.38 -2.25
N SER A 488 19.85 -45.52 -1.76
CA SER A 488 21.28 -45.70 -2.01
C SER A 488 21.76 -46.88 -1.16
N VAL A 489 21.20 -46.96 0.04
CA VAL A 489 21.46 -48.07 0.94
C VAL A 489 20.98 -49.40 0.35
N LYS A 490 19.81 -49.42 -0.28
CA LYS A 490 19.25 -50.73 -0.64
C LYS A 490 19.94 -51.43 -1.80
N LYS A 491 20.29 -50.73 -2.87
CA LYS A 491 21.03 -51.38 -3.95
C LYS A 491 22.54 -51.40 -3.66
N LEU A 492 22.93 -50.78 -2.56
CA LEU A 492 24.20 -51.12 -1.90
C LEU A 492 24.07 -52.56 -1.36
N SER A 493 23.13 -52.72 -0.44
CA SER A 493 22.86 -53.99 0.16
C SER A 493 22.51 -55.05 -0.89
N ALA A 494 21.86 -54.65 -1.97
CA ALA A 494 21.53 -55.59 -3.04
C ALA A 494 22.79 -56.06 -3.77
N SER A 495 23.72 -55.13 -3.98
CA SER A 495 25.00 -55.46 -4.59
C SER A 495 25.84 -56.30 -3.64
N LEU A 496 25.85 -55.90 -2.36
CA LEU A 496 26.59 -56.64 -1.34
C LEU A 496 26.14 -58.09 -1.29
N SER A 497 24.83 -58.27 -1.29
CA SER A 497 24.23 -59.58 -1.20
C SER A 497 24.61 -60.49 -2.36
N LYS A 498 24.78 -59.92 -3.55
CA LYS A 498 25.07 -60.76 -4.72
C LYS A 498 26.57 -60.92 -4.86
N SER A 499 27.30 -60.02 -4.22
CA SER A 499 28.74 -60.15 -4.10
C SER A 499 29.08 -61.34 -3.21
N ILE A 500 28.38 -61.44 -2.09
CA ILE A 500 28.62 -62.49 -1.13
C ILE A 500 28.19 -63.83 -1.72
N GLN A 501 27.05 -63.83 -2.39
CA GLN A 501 26.52 -65.05 -2.99
C GLN A 501 27.51 -65.67 -3.99
N PHE A 502 28.02 -64.86 -4.92
CA PHE A 502 29.04 -65.35 -5.84
C PHE A 502 30.26 -65.88 -5.11
N GLU A 503 30.66 -65.19 -4.05
CA GLU A 503 31.88 -65.55 -3.31
C GLU A 503 31.71 -66.88 -2.60
N LEU A 504 30.47 -67.22 -2.26
CA LEU A 504 30.14 -68.42 -1.53
C LEU A 504 30.37 -69.68 -2.34
N GLY A 505 30.43 -69.56 -3.67
CA GLY A 505 30.60 -70.71 -4.56
C GLY A 505 31.99 -71.32 -4.48
N ASP A 506 32.95 -70.50 -4.08
CA ASP A 506 34.34 -70.91 -4.05
C ASP A 506 35.09 -70.20 -2.93
N PRO A 507 34.75 -70.50 -1.68
CA PRO A 507 35.42 -69.73 -0.61
C PRO A 507 36.93 -69.97 -0.51
N ASN A 508 37.65 -68.86 -0.59
CA ASN A 508 39.11 -68.78 -0.57
C ASN A 508 39.45 -68.04 0.73
N GLU A 509 40.72 -68.00 1.12
CA GLU A 509 41.11 -67.17 2.27
C GLU A 509 41.11 -65.69 1.89
N GLU A 510 40.71 -65.41 0.65
CA GLU A 510 40.58 -64.06 0.14
C GLU A 510 39.15 -63.71 -0.26
N THR A 511 38.16 -64.44 0.24
CA THR A 511 36.78 -64.12 -0.13
C THR A 511 36.24 -62.95 0.68
N TRP A 512 36.74 -62.72 1.89
CA TRP A 512 36.32 -61.53 2.63
C TRP A 512 36.95 -60.28 2.02
N ASP A 513 38.19 -60.42 1.57
CA ASP A 513 38.86 -59.39 0.77
C ASP A 513 37.93 -58.96 -0.35
N ASN A 514 37.54 -59.91 -1.18
CA ASN A 514 36.68 -59.64 -2.33
C ASN A 514 35.35 -58.99 -1.94
N VAL A 515 34.83 -59.36 -0.77
CA VAL A 515 33.57 -58.81 -0.27
C VAL A 515 33.69 -57.35 0.17
N LEU A 516 34.68 -57.08 1.04
CA LEU A 516 34.92 -55.72 1.54
C LEU A 516 35.34 -54.77 0.42
N GLN A 517 35.96 -55.31 -0.62
CA GLN A 517 36.46 -54.51 -1.73
C GLN A 517 35.31 -53.81 -2.44
N GLN A 518 34.42 -54.64 -2.91
CA GLN A 518 33.14 -54.26 -3.47
C GLN A 518 32.37 -53.29 -2.57
N PHE A 519 32.23 -53.66 -1.28
CA PHE A 519 31.47 -52.88 -0.30
C PHE A 519 32.03 -51.49 -0.16
N LYS A 520 33.32 -51.41 0.15
CA LYS A 520 33.96 -50.14 0.40
C LYS A 520 34.04 -49.31 -0.89
N GLY A 521 33.99 -50.00 -2.02
CA GLY A 521 33.92 -49.33 -3.31
C GLY A 521 32.70 -48.46 -3.46
N VAL A 522 31.52 -49.08 -3.42
CA VAL A 522 30.26 -48.37 -3.58
C VAL A 522 29.96 -47.54 -2.31
N TYR A 523 30.65 -47.86 -1.23
CA TYR A 523 30.56 -47.13 0.04
C TYR A 523 31.03 -45.69 -0.10
N GLU A 524 32.04 -45.46 -0.94
CA GLU A 524 32.58 -44.12 -1.09
C GLU A 524 32.11 -43.36 -2.35
N LYS A 525 31.22 -43.97 -3.09
CA LYS A 525 30.62 -43.35 -4.23
C LYS A 525 29.23 -42.81 -3.90
N PHE A 526 29.15 -41.99 -2.86
CA PHE A 526 27.88 -41.35 -2.56
C PHE A 526 28.07 -40.04 -1.80
N GLY A 527 27.69 -38.93 -2.43
CA GLY A 527 27.88 -37.62 -1.83
C GLY A 527 28.18 -36.50 -2.81
N GLY A 528 28.10 -35.28 -2.30
CA GLY A 528 28.39 -34.09 -3.08
C GLY A 528 27.75 -34.12 -4.44
N ASP A 529 26.94 -35.14 -4.68
CA ASP A 529 26.36 -35.30 -6.00
C ASP A 529 24.85 -35.18 -5.94
N PHE A 530 24.35 -34.62 -4.85
CA PHE A 530 22.91 -34.44 -4.71
C PHE A 530 22.41 -33.18 -5.38
N GLY A 531 21.28 -33.30 -6.08
CA GLY A 531 20.71 -32.19 -6.82
C GLY A 531 19.80 -31.31 -5.99
N LEU A 532 20.33 -30.78 -4.90
CA LEU A 532 19.55 -29.98 -3.97
C LEU A 532 20.34 -28.79 -3.52
N GLY A 533 19.81 -28.10 -2.51
CA GLY A 533 20.52 -27.05 -1.84
C GLY A 533 21.18 -27.84 -0.78
N THR A 534 22.47 -27.71 -0.66
CA THR A 534 23.18 -28.56 0.25
C THR A 534 23.05 -28.07 1.66
N SER A 535 24.20 -27.89 2.28
CA SER A 535 24.32 -27.47 3.66
C SER A 535 25.62 -28.14 3.99
N SER A 536 26.57 -27.94 3.09
CA SER A 536 27.80 -28.67 3.13
C SER A 536 27.77 -29.53 4.33
N THR A 537 27.03 -29.12 5.35
CA THR A 537 27.00 -29.93 6.57
C THR A 537 26.11 -31.13 6.42
N GLN A 538 24.86 -30.89 6.08
CA GLN A 538 23.92 -32.02 6.06
C GLN A 538 23.73 -32.72 4.69
N ASN A 539 24.41 -32.26 3.63
CA ASN A 539 24.66 -33.10 2.45
C ASN A 539 25.43 -34.33 2.89
N GLN A 540 26.37 -34.02 3.77
CA GLN A 540 27.52 -34.86 3.99
C GLN A 540 27.32 -35.67 5.24
N GLN A 541 26.27 -35.34 6.00
CA GLN A 541 25.86 -36.21 7.08
C GLN A 541 24.60 -37.00 6.66
N ALA A 542 24.17 -36.83 5.42
CA ALA A 542 23.31 -37.82 4.76
C ALA A 542 24.23 -38.97 4.46
N ILE A 543 25.33 -38.62 3.79
CA ILE A 543 26.49 -39.48 3.68
C ILE A 543 26.96 -40.18 4.94
N GLU A 544 26.97 -39.46 6.06
CA GLU A 544 27.86 -39.90 7.12
C GLU A 544 27.40 -41.13 7.73
N LYS A 545 26.10 -41.36 7.90
CA LYS A 545 25.68 -42.72 8.14
C LYS A 545 24.47 -43.26 7.36
N PHE A 546 24.46 -42.86 6.09
CA PHE A 546 24.32 -43.81 4.99
C PHE A 546 25.39 -44.87 5.21
N LYS A 547 26.53 -44.42 5.74
CA LYS A 547 27.70 -45.21 6.03
C LYS A 547 27.53 -46.23 7.16
N PHE A 548 26.53 -45.97 8.01
CA PHE A 548 26.05 -46.85 9.12
C PHE A 548 25.19 -47.96 8.72
N LYS A 549 23.98 -47.55 8.37
CA LYS A 549 22.98 -48.38 7.71
C LYS A 549 23.62 -49.34 6.70
N SER A 550 24.73 -48.89 6.16
CA SER A 550 25.60 -49.72 5.38
C SER A 550 26.32 -50.69 6.28
N TRP A 551 27.13 -50.20 7.18
CA TRP A 551 27.73 -51.10 8.10
C TRP A 551 26.70 -51.99 8.70
N CYS A 552 25.59 -51.42 9.14
CA CYS A 552 24.53 -52.23 9.68
C CYS A 552 24.09 -53.34 8.75
N GLN A 553 23.87 -52.97 7.50
CA GLN A 553 23.40 -53.92 6.49
C GLN A 553 24.41 -55.01 6.26
N PHE A 554 25.68 -54.61 6.10
CA PHE A 554 26.79 -55.53 5.94
C PHE A 554 26.70 -56.65 6.97
N TYR A 555 26.48 -56.27 8.21
CA TYR A 555 26.24 -57.24 9.27
C TYR A 555 25.00 -58.07 9.02
N ASP A 556 23.91 -57.41 8.66
CA ASP A 556 22.63 -58.11 8.53
C ASP A 556 22.61 -59.10 7.34
N VAL A 557 23.18 -58.70 6.21
CA VAL A 557 23.23 -59.54 5.03
C VAL A 557 24.16 -60.75 5.23
N THR A 558 25.39 -60.49 5.71
CA THR A 558 26.30 -61.60 6.04
C THR A 558 25.63 -62.62 6.92
N HIS A 559 24.91 -62.16 7.95
CA HIS A 559 24.26 -63.10 8.87
C HIS A 559 22.99 -63.73 8.32
N LYS A 560 22.47 -63.19 7.23
CA LYS A 560 21.32 -63.79 6.58
C LYS A 560 21.80 -64.83 5.60
N LEU A 561 22.77 -64.42 4.77
CA LEU A 561 23.28 -65.28 3.72
C LEU A 561 24.15 -66.39 4.29
N ILE A 562 24.68 -66.19 5.50
CA ILE A 562 25.48 -67.20 6.16
C ILE A 562 24.87 -67.56 7.53
N SER A 563 23.57 -67.81 7.55
CA SER A 563 22.91 -68.38 8.71
C SER A 563 23.29 -69.84 8.84
N ARG A 564 23.09 -70.44 10.01
CA ARG A 564 23.27 -71.89 10.19
C ARG A 564 22.68 -72.68 9.04
N GLU A 565 21.44 -72.33 8.71
CA GLU A 565 20.66 -73.11 7.76
C GLU A 565 21.30 -73.08 6.36
N LYS A 566 21.77 -71.90 5.97
CA LYS A 566 22.42 -71.73 4.68
C LYS A 566 23.78 -72.41 4.65
N LEU A 567 24.54 -72.18 5.71
CA LEU A 567 25.88 -72.76 5.83
C LEU A 567 25.81 -74.28 5.70
N LEU A 568 24.90 -74.89 6.47
CA LEU A 568 24.61 -76.32 6.37
C LEU A 568 24.24 -76.78 4.96
N ALA A 569 23.35 -76.03 4.31
CA ALA A 569 22.98 -76.35 2.94
C ALA A 569 24.21 -76.25 2.04
N LEU A 570 25.04 -75.25 2.29
CA LEU A 570 26.22 -75.08 1.47
C LEU A 570 27.17 -76.25 1.70
N LEU A 571 27.20 -76.76 2.93
CA LEU A 571 28.17 -77.79 3.27
C LEU A 571 27.78 -79.07 2.55
N GLN A 572 26.48 -79.35 2.58
CA GLN A 572 25.92 -80.52 1.89
C GLN A 572 26.19 -80.48 0.39
N ASP A 573 26.08 -79.30 -0.21
CA ASP A 573 26.40 -79.15 -1.64
C ASP A 573 27.86 -79.44 -1.93
N ARG A 574 28.78 -78.91 -1.10
CA ARG A 574 30.19 -79.15 -1.36
C ARG A 574 30.47 -80.63 -1.23
N PHE A 575 29.81 -81.24 -0.26
CA PHE A 575 29.99 -82.64 0.03
C PHE A 575 29.53 -83.50 -1.16
N ASP A 576 28.28 -83.30 -1.59
CA ASP A 576 27.72 -84.05 -2.72
C ASP A 576 28.53 -83.86 -3.99
N ASP A 577 28.99 -82.64 -4.24
CA ASP A 577 29.80 -82.37 -5.43
C ASP A 577 30.96 -83.34 -5.56
N LYS A 578 31.42 -83.90 -4.46
CA LYS A 578 32.57 -84.78 -4.51
C LYS A 578 32.23 -86.21 -4.10
N PHE A 579 31.03 -86.40 -3.58
CA PHE A 579 30.65 -87.71 -3.08
C PHE A 579 29.46 -88.31 -3.82
N ARG A 580 28.73 -87.46 -4.52
CA ARG A 580 27.53 -87.86 -5.23
C ARG A 580 27.73 -87.71 -6.74
N TYR A 581 28.76 -86.95 -7.15
CA TYR A 581 29.03 -86.74 -8.58
C TYR A 581 30.51 -86.85 -8.98
N ASP A 582 30.74 -87.24 -10.24
CA ASP A 582 32.05 -87.14 -10.89
C ASP A 582 32.53 -85.69 -10.99
N GLU A 583 33.80 -85.51 -11.33
CA GLU A 583 34.30 -84.22 -11.74
C GLU A 583 33.57 -83.60 -12.91
N ASN A 584 33.33 -84.45 -13.90
CA ASN A 584 32.33 -84.27 -14.96
C ASN A 584 30.93 -83.83 -14.54
N GLY A 585 30.48 -84.32 -13.40
CA GLY A 585 29.16 -83.99 -12.90
C GLY A 585 28.18 -85.14 -13.00
N LEU A 586 28.64 -86.26 -13.53
CA LEU A 586 27.79 -87.45 -13.69
C LEU A 586 27.58 -88.15 -12.35
N PRO A 587 26.33 -88.58 -12.08
CA PRO A 587 26.00 -89.35 -10.87
C PRO A 587 26.95 -90.53 -10.70
N LYS A 588 27.30 -90.83 -9.46
CA LYS A 588 28.43 -91.72 -9.27
C LYS A 588 27.92 -93.13 -9.09
N LEU A 589 28.79 -94.09 -9.39
CA LEU A 589 28.46 -95.49 -9.19
C LEU A 589 29.62 -96.18 -8.47
N TYR A 590 29.50 -96.35 -7.16
CA TYR A 590 30.51 -97.00 -6.35
C TYR A 590 30.55 -98.50 -6.61
N LEU A 591 31.72 -99.02 -6.92
CA LEU A 591 31.88 -100.45 -7.05
C LEU A 591 32.46 -100.98 -5.75
N ASN A 592 33.64 -100.48 -5.40
CA ASN A 592 34.42 -100.91 -4.25
C ASN A 592 34.00 -100.20 -2.95
N GLU A 593 34.59 -100.57 -1.81
CA GLU A 593 34.39 -99.83 -0.55
C GLU A 593 35.64 -99.10 -0.07
N GLN A 594 36.75 -99.37 -0.75
CA GLN A 594 37.87 -98.47 -0.70
C GLN A 594 37.40 -97.17 -1.40
N ASP A 595 36.99 -97.24 -2.67
CA ASP A 595 36.31 -96.12 -3.36
C ASP A 595 35.37 -95.27 -2.51
N LEU A 596 34.42 -95.91 -1.84
CA LEU A 596 33.43 -95.20 -1.04
C LEU A 596 34.08 -94.52 0.15
N GLU A 597 34.74 -95.32 0.97
CA GLU A 597 35.36 -94.81 2.19
C GLU A 597 36.36 -93.67 2.01
N LYS A 598 37.14 -93.68 0.93
CA LYS A 598 38.18 -92.66 0.77
C LYS A 598 37.60 -91.37 0.20
N THR A 599 36.65 -91.49 -0.74
CA THR A 599 36.00 -90.32 -1.30
C THR A 599 35.02 -89.73 -0.28
N PHE A 600 34.59 -90.54 0.67
CA PHE A 600 33.80 -90.07 1.80
C PHE A 600 34.62 -89.09 2.64
N ALA A 601 35.81 -89.52 3.03
CA ALA A 601 36.79 -88.67 3.72
C ALA A 601 37.10 -87.42 2.92
N VAL A 602 37.31 -87.61 1.63
CA VAL A 602 37.64 -86.52 0.73
C VAL A 602 36.47 -85.53 0.62
N ALA A 603 35.25 -86.07 0.64
CA ALA A 603 34.06 -85.25 0.49
C ALA A 603 33.83 -84.37 1.73
N LYS A 604 33.95 -84.98 2.90
CA LYS A 604 33.81 -84.27 4.17
C LYS A 604 34.84 -83.14 4.30
N GLN A 605 36.12 -83.47 4.12
CA GLN A 605 37.16 -82.44 4.20
C GLN A 605 36.90 -81.31 3.20
N HIS A 606 36.47 -81.68 2.00
CA HIS A 606 36.22 -80.70 0.95
C HIS A 606 35.15 -79.72 1.41
N ALA A 607 34.15 -80.27 2.10
CA ALA A 607 33.05 -79.47 2.59
C ALA A 607 33.51 -78.63 3.77
N LEU A 608 34.11 -79.27 4.77
CA LEU A 608 34.49 -78.57 6.01
C LEU A 608 35.65 -77.59 5.86
N GLN A 609 36.42 -77.67 4.77
CA GLN A 609 37.56 -76.76 4.58
C GLN A 609 37.09 -75.31 4.46
N VAL A 610 35.78 -75.14 4.42
CA VAL A 610 35.19 -73.88 4.11
C VAL A 610 34.71 -73.22 5.42
N LEU A 611 34.50 -74.04 6.45
CA LEU A 611 34.09 -73.53 7.76
C LEU A 611 35.01 -72.47 8.35
N PRO A 612 36.33 -72.73 8.40
CA PRO A 612 37.13 -71.68 9.06
C PRO A 612 37.03 -70.32 8.38
N ILE A 613 36.66 -70.30 7.10
CA ILE A 613 36.63 -69.02 6.36
C ILE A 613 35.30 -68.30 6.53
N LEU A 614 34.21 -69.05 6.53
CA LEU A 614 32.89 -68.44 6.54
C LEU A 614 32.40 -68.07 7.93
N THR A 615 32.96 -68.65 8.97
CA THR A 615 32.40 -68.37 10.30
C THR A 615 32.90 -67.08 10.91
N PHE A 616 33.82 -66.40 10.23
CA PHE A 616 34.39 -65.19 10.78
C PHE A 616 34.94 -64.26 9.69
N ALA A 617 34.52 -62.99 9.72
CA ALA A 617 34.89 -62.02 8.69
C ALA A 617 36.34 -61.51 8.81
N LYS A 618 37.24 -62.10 8.04
CA LYS A 618 38.67 -61.75 8.05
C LYS A 618 39.28 -61.76 6.66
N LEU A 619 40.13 -60.79 6.39
CA LEU A 619 40.89 -60.79 5.15
C LEU A 619 42.09 -61.72 5.30
N ALA A 620 42.74 -62.03 4.18
CA ALA A 620 43.88 -62.94 4.16
C ALA A 620 44.95 -62.63 5.22
N ASP A 621 45.14 -61.35 5.49
CA ASP A 621 46.15 -60.89 6.45
C ASP A 621 45.90 -61.37 7.87
N GLY A 622 44.69 -61.87 8.13
CA GLY A 622 44.31 -62.35 9.45
C GLY A 622 43.65 -61.31 10.34
N SER A 623 43.35 -60.14 9.79
CA SER A 623 42.81 -59.08 10.62
C SER A 623 41.29 -59.12 10.63
N GLU A 624 40.73 -59.08 11.83
CA GLU A 624 39.30 -58.99 12.04
C GLU A 624 38.74 -57.80 11.27
N ILE A 625 37.59 -57.98 10.64
CA ILE A 625 36.92 -56.84 10.00
C ILE A 625 36.17 -56.06 11.07
N VAL A 626 36.57 -54.81 11.23
CA VAL A 626 35.95 -53.93 12.23
C VAL A 626 35.10 -52.88 11.55
N PRO A 627 33.84 -52.74 11.95
CA PRO A 627 33.04 -51.69 11.32
C PRO A 627 33.55 -50.30 11.73
N ASP A 628 33.54 -49.36 10.80
CA ASP A 628 33.95 -47.97 11.07
C ASP A 628 33.16 -47.37 12.23
N TYR A 629 31.89 -47.74 12.34
CA TYR A 629 31.05 -47.35 13.46
C TYR A 629 30.70 -48.56 14.34
N ASP A 630 31.06 -48.47 15.62
CA ASP A 630 30.68 -49.47 16.60
C ASP A 630 29.16 -49.33 16.69
N ILE A 631 28.45 -50.22 15.99
CA ILE A 631 27.00 -50.33 16.06
C ILE A 631 26.70 -51.11 17.35
N PHE A 632 25.47 -51.57 17.54
CA PHE A 632 25.03 -52.15 18.81
C PHE A 632 25.20 -51.13 19.95
N ASP A 633 25.59 -49.91 19.61
CA ASP A 633 25.75 -48.87 20.59
C ASP A 633 24.34 -48.35 20.71
N SER A 634 23.99 -47.90 21.90
CA SER A 634 22.63 -47.50 22.29
C SER A 634 22.10 -46.34 21.43
N LYS A 635 22.78 -45.21 21.56
CA LYS A 635 22.34 -43.99 20.87
C LYS A 635 23.23 -43.70 19.67
N LEU A 636 24.34 -44.42 19.47
CA LEU A 636 24.98 -44.40 18.15
C LEU A 636 24.08 -45.08 17.12
N ARG A 637 23.04 -45.77 17.59
CA ARG A 637 22.16 -46.53 16.72
C ARG A 637 21.10 -45.61 16.12
N GLU A 638 20.12 -45.21 16.94
CA GLU A 638 18.99 -44.49 16.36
C GLU A 638 19.16 -42.95 16.46
N GLN A 639 20.37 -42.50 16.82
CA GLN A 639 20.78 -41.12 16.51
C GLN A 639 20.84 -40.94 14.99
N PHE A 640 20.97 -42.08 14.33
CA PHE A 640 21.10 -42.16 12.90
C PHE A 640 20.04 -43.13 12.25
N LEU A 641 19.29 -43.80 13.12
CA LEU A 641 18.29 -44.77 12.71
C LEU A 641 18.94 -45.95 11.99
N ASP A 652 28.30 -56.81 24.50
CA ASP A 652 27.78 -56.43 23.19
C ASP A 652 28.39 -57.26 22.05
N HIS A 653 27.53 -57.79 21.20
CA HIS A 653 27.89 -58.57 20.03
C HIS A 653 29.22 -58.34 19.36
N CYS A 654 29.51 -59.19 18.38
CA CYS A 654 30.69 -59.09 17.54
C CYS A 654 30.28 -59.09 16.08
N PHE A 655 30.67 -58.05 15.39
CA PHE A 655 30.26 -57.80 14.02
C PHE A 655 30.86 -58.84 13.07
N ALA A 656 32.02 -59.39 13.43
CA ALA A 656 32.78 -60.29 12.56
C ALA A 656 32.46 -61.74 12.84
N GLU A 657 31.83 -61.98 13.99
CA GLU A 657 31.41 -63.33 14.33
C GLU A 657 30.15 -63.65 13.52
N ILE A 658 30.31 -64.42 12.46
CA ILE A 658 29.18 -64.73 11.60
C ILE A 658 28.42 -65.89 12.22
N ILE A 659 29.19 -66.84 12.72
CA ILE A 659 28.64 -67.99 13.39
C ILE A 659 29.32 -68.14 14.76
N THR A 660 28.53 -68.27 15.82
CA THR A 660 29.10 -68.47 17.14
C THR A 660 29.58 -69.89 17.41
N GLU A 661 30.51 -70.00 18.36
CA GLU A 661 31.01 -71.30 18.83
C GLU A 661 29.89 -72.29 18.95
N GLN A 662 28.84 -71.86 19.64
CA GLN A 662 27.73 -72.76 19.98
C GLN A 662 27.00 -73.18 18.70
N GLU A 663 26.95 -72.27 17.74
CA GLU A 663 26.34 -72.53 16.44
C GLU A 663 27.22 -73.44 15.60
N LYS A 664 28.53 -73.18 15.59
CA LYS A 664 29.48 -73.96 14.82
C LYS A 664 29.44 -75.43 15.24
N LEU A 665 29.30 -75.64 16.54
CA LEU A 665 29.18 -76.97 17.11
C LEU A 665 27.88 -77.66 16.69
N GLU A 666 26.80 -76.90 16.59
CA GLU A 666 25.55 -77.48 16.11
C GLU A 666 25.63 -77.82 14.63
N VAL A 667 26.21 -76.91 13.85
CA VAL A 667 26.46 -77.18 12.43
C VAL A 667 27.27 -78.46 12.22
N LEU A 668 28.35 -78.63 12.97
CA LEU A 668 29.22 -79.80 12.83
C LEU A 668 28.48 -81.07 13.22
N ALA A 669 27.69 -80.99 14.29
CA ALA A 669 26.90 -82.16 14.64
C ALA A 669 25.89 -82.44 13.52
N LYS A 670 25.22 -81.42 13.00
CA LYS A 670 24.24 -81.69 11.94
C LYS A 670 24.90 -82.11 10.63
N PHE A 671 25.96 -81.41 10.21
CA PHE A 671 26.72 -81.87 9.06
C PHE A 671 27.05 -83.37 9.16
N LYS A 672 27.60 -83.81 10.29
CA LYS A 672 27.98 -85.21 10.47
C LYS A 672 26.81 -86.20 10.37
N LYS A 673 25.71 -85.90 11.05
CA LYS A 673 24.57 -86.81 11.03
C LYS A 673 24.10 -87.02 9.60
N GLU A 674 23.91 -85.92 8.86
CA GLU A 674 23.41 -86.04 7.50
C GLU A 674 24.38 -86.80 6.60
N VAL A 675 25.64 -86.41 6.66
CA VAL A 675 26.70 -86.98 5.85
C VAL A 675 26.90 -88.46 6.16
N ASP A 676 26.66 -88.84 7.41
CA ASP A 676 26.70 -90.24 7.77
C ASP A 676 25.56 -90.99 7.10
N ALA A 677 24.36 -90.43 7.13
CA ALA A 677 23.19 -91.08 6.54
C ALA A 677 23.37 -91.30 5.04
N LYS A 678 23.77 -90.25 4.32
CA LYS A 678 24.04 -90.38 2.90
C LYS A 678 25.02 -91.50 2.70
N TYR A 679 25.92 -91.66 3.67
CA TYR A 679 26.95 -92.67 3.53
C TYR A 679 26.39 -94.09 3.68
N ILE A 680 25.69 -94.32 4.78
CA ILE A 680 25.07 -95.61 5.07
C ILE A 680 24.21 -96.07 3.90
N GLU A 681 23.37 -95.18 3.40
CA GLU A 681 22.48 -95.50 2.31
C GLU A 681 23.23 -95.92 1.04
N THR A 682 24.14 -95.09 0.56
CA THR A 682 24.88 -95.41 -0.66
C THR A 682 25.76 -96.65 -0.49
N LYS A 683 25.67 -97.30 0.65
CA LYS A 683 26.45 -98.49 0.94
C LYS A 683 25.52 -99.70 1.02
N ARG A 684 24.27 -99.42 1.36
CA ARG A 684 23.21 -100.43 1.29
C ARG A 684 22.82 -100.68 -0.16
N SER A 685 23.21 -99.77 -1.05
CA SER A 685 22.90 -99.89 -2.46
C SER A 685 24.13 -100.25 -3.29
N ILE A 686 25.13 -100.83 -2.63
CA ILE A 686 26.31 -101.30 -3.33
C ILE A 686 26.29 -102.83 -3.44
N VAL A 687 25.50 -103.46 -2.57
CA VAL A 687 25.41 -104.92 -2.51
C VAL A 687 24.76 -105.50 -3.78
#